data_192D
# 
_entry.id   192D 
# 
_audit_conform.dict_name       mmcif_pdbx.dic 
_audit_conform.dict_version    5.385 
_audit_conform.dict_location   http://mmcif.pdb.org/dictionaries/ascii/mmcif_pdbx.dic 
# 
loop_
_database_2.database_id 
_database_2.database_code 
_database_2.pdbx_database_accession 
_database_2.pdbx_DOI 
PDB   192D         pdb_0000192d 10.2210/pdb192d/pdb 
RCSB  UDF025       ?            ?                   
WWPDB D_1000170205 ?            ?                   
# 
loop_
_pdbx_audit_revision_history.ordinal 
_pdbx_audit_revision_history.data_content_type 
_pdbx_audit_revision_history.major_revision 
_pdbx_audit_revision_history.minor_revision 
_pdbx_audit_revision_history.revision_date 
1 'Structure model' 1 0 1995-02-07 
2 'Structure model' 1 1 2008-05-22 
3 'Structure model' 1 2 2011-07-13 
4 'Structure model' 1 3 2024-02-07 
# 
_pdbx_audit_revision_details.ordinal             1 
_pdbx_audit_revision_details.revision_ordinal    1 
_pdbx_audit_revision_details.data_content_type   'Structure model' 
_pdbx_audit_revision_details.provider            repository 
_pdbx_audit_revision_details.type                'Initial release' 
_pdbx_audit_revision_details.description         ? 
_pdbx_audit_revision_details.details             ? 
# 
loop_
_pdbx_audit_revision_group.ordinal 
_pdbx_audit_revision_group.revision_ordinal 
_pdbx_audit_revision_group.data_content_type 
_pdbx_audit_revision_group.group 
1 2 'Structure model' 'Version format compliance' 
2 3 'Structure model' 'Version format compliance' 
3 4 'Structure model' 'Data collection'           
4 4 'Structure model' 'Database references'       
5 4 'Structure model' 'Derived calculations'      
# 
loop_
_pdbx_audit_revision_category.ordinal 
_pdbx_audit_revision_category.revision_ordinal 
_pdbx_audit_revision_category.data_content_type 
_pdbx_audit_revision_category.category 
1 4 'Structure model' chem_comp_atom 
2 4 'Structure model' chem_comp_bond 
3 4 'Structure model' database_2     
4 4 'Structure model' struct_site    
# 
loop_
_pdbx_audit_revision_item.ordinal 
_pdbx_audit_revision_item.revision_ordinal 
_pdbx_audit_revision_item.data_content_type 
_pdbx_audit_revision_item.item 
1 4 'Structure model' '_database_2.pdbx_DOI'                
2 4 'Structure model' '_database_2.pdbx_database_accession' 
3 4 'Structure model' '_struct_site.pdbx_auth_asym_id'      
4 4 'Structure model' '_struct_site.pdbx_auth_comp_id'      
5 4 'Structure model' '_struct_site.pdbx_auth_seq_id'       
# 
_pdbx_database_status.status_code                     REL 
_pdbx_database_status.entry_id                        192D 
_pdbx_database_status.recvd_initial_deposition_date   1994-09-22 
_pdbx_database_status.deposit_site                    BNL 
_pdbx_database_status.process_site                    NDB 
_pdbx_database_status.SG_entry                        . 
_pdbx_database_status.pdb_format_compatible           Y 
_pdbx_database_status.status_code_mr                  ? 
_pdbx_database_status.status_code_sf                  ? 
_pdbx_database_status.status_code_cs                  ? 
_pdbx_database_status.status_code_nmr_data            ? 
_pdbx_database_status.methods_development_category    ? 
# 
loop_
_audit_author.name 
_audit_author.pdbx_ordinal 
'Malinina, L.'   1 
'Urpi, L.'       2 
'Salas, X.'      3 
'Huynh-Dinh, T.' 4 
'Subirana, J.A.' 5 
# 
_citation.id                        primary 
_citation.title                     'Recombination-like structure of d(CCGCGG).' 
_citation.journal_abbrev            J.Mol.Biol. 
_citation.journal_volume            243 
_citation.page_first                484 
_citation.page_last                 493 
_citation.year                      1994 
_citation.journal_id_ASTM           JMOBAK 
_citation.country                   UK 
_citation.journal_id_ISSN           0022-2836 
_citation.journal_id_CSD            0070 
_citation.book_publisher            ? 
_citation.pdbx_database_id_PubMed   7966274 
_citation.pdbx_database_id_DOI      10.1006/jmbi.1994.1674 
# 
loop_
_citation_author.citation_id 
_citation_author.name 
_citation_author.ordinal 
_citation_author.identifier_ORCID 
primary 'Malinina, L.'   1 ? 
primary 'Urpi, L.'       2 ? 
primary 'Salas, X.'      3 ? 
primary 'Huynh-Dinh, T.' 4 ? 
primary 'Subirana, J.A.' 5 ? 
# 
loop_
_entity.id 
_entity.type 
_entity.src_method 
_entity.pdbx_description 
_entity.formula_weight 
_entity.pdbx_number_of_molecules 
_entity.pdbx_ec 
_entity.pdbx_mutation 
_entity.pdbx_fragment 
_entity.details 
1 polymer     syn 
;DNA (5'-D(*CP*CP*GP*CP*GP*G)-3')
;
1810.205 2  ? ? ? ? 
2 non-polymer syn 'SODIUM ION'                       22.990   1  ? ? ? ? 
3 water       nat water                              18.015   38 ? ? ? ? 
# 
_entity_poly.entity_id                      1 
_entity_poly.type                           polydeoxyribonucleotide 
_entity_poly.nstd_linkage                   no 
_entity_poly.nstd_monomer                   no 
_entity_poly.pdbx_seq_one_letter_code       '(DC)(DC)(DG)(DC)(DG)(DG)' 
_entity_poly.pdbx_seq_one_letter_code_can   CCGCGG 
_entity_poly.pdbx_strand_id                 A,B 
_entity_poly.pdbx_target_identifier         ? 
# 
loop_
_pdbx_entity_nonpoly.entity_id 
_pdbx_entity_nonpoly.name 
_pdbx_entity_nonpoly.comp_id 
2 'SODIUM ION' NA  
3 water        HOH 
# 
loop_
_entity_poly_seq.entity_id 
_entity_poly_seq.num 
_entity_poly_seq.mon_id 
_entity_poly_seq.hetero 
1 1 DC n 
1 2 DC n 
1 3 DG n 
1 4 DC n 
1 5 DG n 
1 6 DG n 
# 
loop_
_chem_comp.id 
_chem_comp.type 
_chem_comp.mon_nstd_flag 
_chem_comp.name 
_chem_comp.pdbx_synonyms 
_chem_comp.formula 
_chem_comp.formula_weight 
DC  'DNA linking' y "2'-DEOXYCYTIDINE-5'-MONOPHOSPHATE"  ? 'C9 H14 N3 O7 P'  307.197 
DG  'DNA linking' y "2'-DEOXYGUANOSINE-5'-MONOPHOSPHATE" ? 'C10 H14 N5 O7 P' 347.221 
HOH non-polymer   . WATER                                ? 'H2 O'            18.015  
NA  non-polymer   . 'SODIUM ION'                         ? 'Na 1'            22.990  
# 
loop_
_pdbx_poly_seq_scheme.asym_id 
_pdbx_poly_seq_scheme.entity_id 
_pdbx_poly_seq_scheme.seq_id 
_pdbx_poly_seq_scheme.mon_id 
_pdbx_poly_seq_scheme.ndb_seq_num 
_pdbx_poly_seq_scheme.pdb_seq_num 
_pdbx_poly_seq_scheme.auth_seq_num 
_pdbx_poly_seq_scheme.pdb_mon_id 
_pdbx_poly_seq_scheme.auth_mon_id 
_pdbx_poly_seq_scheme.pdb_strand_id 
_pdbx_poly_seq_scheme.pdb_ins_code 
_pdbx_poly_seq_scheme.hetero 
A 1 1 DC 1 1  1  DC C A . n 
A 1 2 DC 2 2  2  DC C A . n 
A 1 3 DG 3 3  3  DG G A . n 
A 1 4 DC 4 4  4  DC C A . n 
A 1 5 DG 5 5  5  DG G A . n 
A 1 6 DG 6 6  6  DG G A . n 
B 1 1 DC 1 7  7  DC C B . n 
B 1 2 DC 2 8  8  DC C B . n 
B 1 3 DG 3 9  9  DG G B . n 
B 1 4 DC 4 10 10 DC C B . n 
B 1 5 DG 5 11 11 DG G B . n 
B 1 6 DG 6 12 12 DG G B . n 
# 
loop_
_pdbx_nonpoly_scheme.asym_id 
_pdbx_nonpoly_scheme.entity_id 
_pdbx_nonpoly_scheme.mon_id 
_pdbx_nonpoly_scheme.ndb_seq_num 
_pdbx_nonpoly_scheme.pdb_seq_num 
_pdbx_nonpoly_scheme.auth_seq_num 
_pdbx_nonpoly_scheme.pdb_mon_id 
_pdbx_nonpoly_scheme.auth_mon_id 
_pdbx_nonpoly_scheme.pdb_strand_id 
_pdbx_nonpoly_scheme.pdb_ins_code 
C 2 NA  1  13 13 NA  NA  A . 
D 3 HOH 1  14 14 HOH HOH A . 
D 3 HOH 2  15 15 HOH HOH A . 
D 3 HOH 3  16 16 HOH HOH A . 
D 3 HOH 4  17 17 HOH HOH A . 
D 3 HOH 5  18 18 HOH HOH A . 
D 3 HOH 6  19 19 HOH HOH A . 
D 3 HOH 7  20 20 HOH HOH A . 
D 3 HOH 8  21 21 HOH HOH A . 
D 3 HOH 9  23 23 HOH HOH A . 
D 3 HOH 10 24 24 HOH HOH A . 
D 3 HOH 11 25 25 HOH HOH A . 
D 3 HOH 12 26 26 HOH HOH A . 
D 3 HOH 13 27 27 HOH HOH A . 
D 3 HOH 14 28 28 HOH HOH A . 
D 3 HOH 15 42 42 HOH HOH A . 
D 3 HOH 16 46 46 HOH HOH A . 
D 3 HOH 17 48 48 HOH HOH A . 
E 3 HOH 1  22 22 HOH HOH B . 
E 3 HOH 2  29 29 HOH HOH B . 
E 3 HOH 3  30 30 HOH HOH B . 
E 3 HOH 4  31 31 HOH HOH B . 
E 3 HOH 5  32 32 HOH HOH B . 
E 3 HOH 6  33 33 HOH HOH B . 
E 3 HOH 7  34 34 HOH HOH B . 
E 3 HOH 8  35 35 HOH HOH B . 
E 3 HOH 9  36 36 HOH HOH B . 
E 3 HOH 10 37 37 HOH HOH B . 
E 3 HOH 11 38 38 HOH HOH B . 
E 3 HOH 12 39 39 HOH HOH B . 
E 3 HOH 13 40 40 HOH HOH B . 
E 3 HOH 14 41 41 HOH HOH B . 
E 3 HOH 15 43 43 HOH HOH B . 
E 3 HOH 16 44 44 HOH HOH B . 
E 3 HOH 17 45 45 HOH HOH B . 
E 3 HOH 18 47 47 HOH HOH B . 
E 3 HOH 19 49 49 HOH HOH B . 
E 3 HOH 20 50 50 HOH HOH B . 
E 3 HOH 21 51 51 HOH HOH B . 
# 
_software.name             X-PLOR 
_software.classification   refinement 
_software.version          . 
_software.citation_id      ? 
_software.pdbx_ordinal     1 
# 
_cell.entry_id           192D 
_cell.length_a           34.330 
_cell.length_b           44.040 
_cell.length_c           38.270 
_cell.angle_alpha        90.00 
_cell.angle_beta         90.00 
_cell.angle_gamma        90.00 
_cell.Z_PDB              16 
_cell.pdbx_unique_axis   ? 
# 
_symmetry.entry_id                         192D 
_symmetry.space_group_name_H-M             'C 2 2 21' 
_symmetry.pdbx_full_space_group_name_H-M   ? 
_symmetry.cell_setting                     ? 
_symmetry.Int_Tables_number                20 
# 
_exptl.entry_id          192D 
_exptl.method            'X-RAY DIFFRACTION' 
_exptl.crystals_number   ? 
# 
_exptl_crystal.id                    1 
_exptl_crystal.density_meas          ? 
_exptl_crystal.density_Matthews      2.00 
_exptl_crystal.density_percent_sol   38.43 
_exptl_crystal.description           ? 
# 
_exptl_crystal_grow.crystal_id      1 
_exptl_crystal_grow.method          'VAPOR DIFFUSION, SITTING DROP' 
_exptl_crystal_grow.temp            ? 
_exptl_crystal_grow.temp_details    ? 
_exptl_crystal_grow.pH              6.00 
_exptl_crystal_grow.pdbx_details    'pH 6.00, VAPOR DIFFUSION, SITTING DROP' 
_exptl_crystal_grow.pdbx_pH_range   ? 
# 
loop_
_exptl_crystal_grow_comp.crystal_id 
_exptl_crystal_grow_comp.id 
_exptl_crystal_grow_comp.sol_id 
_exptl_crystal_grow_comp.name 
_exptl_crystal_grow_comp.volume 
_exptl_crystal_grow_comp.conc 
_exptl_crystal_grow_comp.details 
1 1 1 WATER           ? ? ? 
1 2 1 MPD             ? ? ? 
1 3 1 SPERMINE        ? ? ? 
1 4 1 TETRA-ARGININE  ? ? ? 
1 5 1 'NA CACODYLATE' ? ? ? 
1 6 2 WATER           ? ? ? 
1 7 2 MPD             ? ? ? 
# 
_diffrn.id                     1 
_diffrn.ambient_temp           ? 
_diffrn.ambient_temp_details   'ROOM TEMPERATURE' 
_diffrn.crystal_id             1 
# 
_diffrn_detector.diffrn_id              1 
_diffrn_detector.detector               DIFFRACTOMETER 
_diffrn_detector.type                   OTHER 
_diffrn_detector.pdbx_collection_date   ? 
_diffrn_detector.details                ? 
# 
_diffrn_radiation.diffrn_id                        1 
_diffrn_radiation.wavelength_id                    1 
_diffrn_radiation.pdbx_monochromatic_or_laue_m_l   ? 
_diffrn_radiation.monochromator                    ? 
_diffrn_radiation.pdbx_diffrn_protocol             ? 
_diffrn_radiation.pdbx_scattering_type             x-ray 
# 
_diffrn_radiation_wavelength.id           1 
_diffrn_radiation_wavelength.wavelength   1.5418 
_diffrn_radiation_wavelength.wt           1.0 
# 
_diffrn_source.diffrn_id                   1 
_diffrn_source.source                      'ROTATING ANODE' 
_diffrn_source.type                        'ELLIOTT GX-21' 
_diffrn_source.pdbx_synchrotron_site       ? 
_diffrn_source.pdbx_synchrotron_beamline   ? 
_diffrn_source.pdbx_wavelength             1.5418 
_diffrn_source.pdbx_wavelength_list        ? 
# 
_reflns.entry_id                     192D 
_reflns.observed_criterion_sigma_I   ? 
_reflns.observed_criterion_sigma_F   ? 
_reflns.d_resolution_low             ? 
_reflns.d_resolution_high            1.920 
_reflns.number_obs                   2297 
_reflns.number_all                   13022 
_reflns.percent_possible_obs         ? 
_reflns.pdbx_Rmerge_I_obs            ? 
_reflns.pdbx_Rsym_value              ? 
_reflns.pdbx_netI_over_sigmaI        ? 
_reflns.B_iso_Wilson_estimate        ? 
_reflns.pdbx_redundancy              ? 
_reflns.pdbx_diffrn_id               1 
_reflns.pdbx_ordinal                 1 
# 
_refine.entry_id                                 192D 
_refine.ls_number_reflns_obs                     2297 
_refine.ls_number_reflns_all                     ? 
_refine.pdbx_ls_sigma_I                          ? 
_refine.pdbx_ls_sigma_F                          2.000 
_refine.pdbx_data_cutoff_high_absF               ? 
_refine.pdbx_data_cutoff_low_absF                ? 
_refine.pdbx_data_cutoff_high_rms_absF           ? 
_refine.ls_d_res_low                             8.000 
_refine.ls_d_res_high                            1.920 
_refine.ls_percent_reflns_obs                    96.500 
_refine.ls_R_factor_obs                          0.1850000 
_refine.ls_R_factor_all                          ? 
_refine.ls_R_factor_R_work                       0.1850000 
_refine.ls_R_factor_R_free                       ? 
_refine.ls_R_factor_R_free_error                 ? 
_refine.ls_R_factor_R_free_error_details         ? 
_refine.ls_percent_reflns_R_free                 ? 
_refine.ls_number_reflns_R_free                  ? 
_refine.ls_number_parameters                     ? 
_refine.ls_number_restraints                     ? 
_refine.occupancy_min                            ? 
_refine.occupancy_max                            ? 
_refine.B_iso_mean                               ? 
_refine.aniso_B[1][1]                            ? 
_refine.aniso_B[2][2]                            ? 
_refine.aniso_B[3][3]                            ? 
_refine.aniso_B[1][2]                            ? 
_refine.aniso_B[1][3]                            ? 
_refine.aniso_B[2][3]                            ? 
_refine.solvent_model_details                    ? 
_refine.solvent_model_param_ksol                 ? 
_refine.solvent_model_param_bsol                 ? 
_refine.pdbx_ls_cross_valid_method               ? 
_refine.details                                  ? 
_refine.pdbx_starting_model                      ? 
_refine.pdbx_method_to_determine_struct          ? 
_refine.pdbx_isotropic_thermal_model             ? 
_refine.pdbx_stereochemistry_target_values       ? 
_refine.pdbx_stereochem_target_val_spec_case     ? 
_refine.pdbx_R_Free_selection_details            ? 
_refine.pdbx_overall_ESU_R                       ? 
_refine.pdbx_overall_ESU_R_Free                  ? 
_refine.overall_SU_ML                            ? 
_refine.overall_SU_B                             ? 
_refine.pdbx_refine_id                           'X-RAY DIFFRACTION' 
_refine.pdbx_diffrn_id                           1 
_refine.pdbx_TLS_residual_ADP_flag               ? 
_refine.correlation_coeff_Fo_to_Fc               ? 
_refine.correlation_coeff_Fo_to_Fc_free          ? 
_refine.pdbx_solvent_vdw_probe_radii             ? 
_refine.pdbx_solvent_ion_probe_radii             ? 
_refine.pdbx_solvent_shrinkage_radii             ? 
_refine.pdbx_overall_phase_error                 ? 
_refine.overall_SU_R_Cruickshank_DPI             ? 
_refine.pdbx_overall_SU_R_free_Cruickshank_DPI   ? 
_refine.pdbx_overall_SU_R_Blow_DPI               ? 
_refine.pdbx_overall_SU_R_free_Blow_DPI          ? 
# 
_refine_hist.pdbx_refine_id                   'X-RAY DIFFRACTION' 
_refine_hist.cycle_id                         LAST 
_refine_hist.pdbx_number_atoms_protein        0 
_refine_hist.pdbx_number_atoms_nucleic_acid   274 
_refine_hist.pdbx_number_atoms_ligand         1 
_refine_hist.number_atoms_solvent             114 
_refine_hist.number_atoms_total               389 
_refine_hist.d_res_high                       1.920 
_refine_hist.d_res_low                        8.000 
# 
loop_
_refine_ls_restr.type 
_refine_ls_restr.dev_ideal 
_refine_ls_restr.dev_ideal_target 
_refine_ls_restr.weight 
_refine_ls_restr.number 
_refine_ls_restr.pdbx_refine_id 
_refine_ls_restr.pdbx_restraint_function 
x_bond_d                0.016 ? ? ? 'X-RAY DIFFRACTION' ? 
x_bond_d_na             ?     ? ? ? 'X-RAY DIFFRACTION' ? 
x_bond_d_prot           ?     ? ? ? 'X-RAY DIFFRACTION' ? 
x_angle_d               ?     ? ? ? 'X-RAY DIFFRACTION' ? 
x_angle_d_na            ?     ? ? ? 'X-RAY DIFFRACTION' ? 
x_angle_d_prot          ?     ? ? ? 'X-RAY DIFFRACTION' ? 
x_angle_deg             3.28  ? ? ? 'X-RAY DIFFRACTION' ? 
x_angle_deg_na          ?     ? ? ? 'X-RAY DIFFRACTION' ? 
x_angle_deg_prot        ?     ? ? ? 'X-RAY DIFFRACTION' ? 
x_dihedral_angle_d      ?     ? ? ? 'X-RAY DIFFRACTION' ? 
x_dihedral_angle_d_na   ?     ? ? ? 'X-RAY DIFFRACTION' ? 
x_dihedral_angle_d_prot ?     ? ? ? 'X-RAY DIFFRACTION' ? 
x_improper_angle_d      ?     ? ? ? 'X-RAY DIFFRACTION' ? 
x_improper_angle_d_na   ?     ? ? ? 'X-RAY DIFFRACTION' ? 
x_improper_angle_d_prot ?     ? ? ? 'X-RAY DIFFRACTION' ? 
x_mcbond_it             ?     ? ? ? 'X-RAY DIFFRACTION' ? 
x_mcangle_it            ?     ? ? ? 'X-RAY DIFFRACTION' ? 
x_scbond_it             ?     ? ? ? 'X-RAY DIFFRACTION' ? 
x_scangle_it            ?     ? ? ? 'X-RAY DIFFRACTION' ? 
# 
_struct.entry_id                  192D 
_struct.title                     'RECOMBINATION-LIKE STRUCTURE OF D(CCGCGG)' 
_struct.pdbx_model_details        ? 
_struct.pdbx_CASP_flag            ? 
_struct.pdbx_model_type_details   ? 
# 
_struct_keywords.entry_id        192D 
_struct_keywords.pdbx_keywords   DNA 
_struct_keywords.text            'Z-DNA, DOUBLE HELIX, FLIPPED-OUT BASES, DNA' 
# 
loop_
_struct_asym.id 
_struct_asym.pdbx_blank_PDB_chainid_flag 
_struct_asym.pdbx_modified 
_struct_asym.entity_id 
_struct_asym.details 
A N N 1 ? 
B N N 1 ? 
C N N 2 ? 
D N N 3 ? 
E N N 3 ? 
# 
_struct_ref.id                         1 
_struct_ref.entity_id                  1 
_struct_ref.db_name                    PDB 
_struct_ref.db_code                    192D 
_struct_ref.pdbx_db_accession          192D 
_struct_ref.pdbx_db_isoform            ? 
_struct_ref.pdbx_seq_one_letter_code   ? 
_struct_ref.pdbx_align_begin           ? 
# 
loop_
_struct_ref_seq.align_id 
_struct_ref_seq.ref_id 
_struct_ref_seq.pdbx_PDB_id_code 
_struct_ref_seq.pdbx_strand_id 
_struct_ref_seq.seq_align_beg 
_struct_ref_seq.pdbx_seq_align_beg_ins_code 
_struct_ref_seq.seq_align_end 
_struct_ref_seq.pdbx_seq_align_end_ins_code 
_struct_ref_seq.pdbx_db_accession 
_struct_ref_seq.db_align_beg 
_struct_ref_seq.pdbx_db_align_beg_ins_code 
_struct_ref_seq.db_align_end 
_struct_ref_seq.pdbx_db_align_end_ins_code 
_struct_ref_seq.pdbx_auth_seq_align_beg 
_struct_ref_seq.pdbx_auth_seq_align_end 
1 1 192D A 1 ? 6 ? 192D 1 ? 6  ? 1 6  
2 1 192D B 1 ? 6 ? 192D 7 ? 12 ? 7 12 
# 
_pdbx_struct_assembly.id                   1 
_pdbx_struct_assembly.details              author_defined_assembly 
_pdbx_struct_assembly.method_details       ? 
_pdbx_struct_assembly.oligomeric_details   dimeric 
_pdbx_struct_assembly.oligomeric_count     2 
# 
_pdbx_struct_assembly_gen.assembly_id       1 
_pdbx_struct_assembly_gen.oper_expression   1 
_pdbx_struct_assembly_gen.asym_id_list      A,B,C,D,E 
# 
_pdbx_struct_oper_list.id                   1 
_pdbx_struct_oper_list.type                 'identity operation' 
_pdbx_struct_oper_list.name                 1_555 
_pdbx_struct_oper_list.symmetry_operation   x,y,z 
_pdbx_struct_oper_list.matrix[1][1]         1.0000000000 
_pdbx_struct_oper_list.matrix[1][2]         0.0000000000 
_pdbx_struct_oper_list.matrix[1][3]         0.0000000000 
_pdbx_struct_oper_list.vector[1]            0.0000000000 
_pdbx_struct_oper_list.matrix[2][1]         0.0000000000 
_pdbx_struct_oper_list.matrix[2][2]         1.0000000000 
_pdbx_struct_oper_list.matrix[2][3]         0.0000000000 
_pdbx_struct_oper_list.vector[2]            0.0000000000 
_pdbx_struct_oper_list.matrix[3][1]         0.0000000000 
_pdbx_struct_oper_list.matrix[3][2]         0.0000000000 
_pdbx_struct_oper_list.matrix[3][3]         1.0000000000 
_pdbx_struct_oper_list.vector[3]            0.0000000000 
# 
_struct_biol.id   1 
# 
loop_
_struct_conn.id 
_struct_conn.conn_type_id 
_struct_conn.pdbx_leaving_atom_flag 
_struct_conn.pdbx_PDB_id 
_struct_conn.ptnr1_label_asym_id 
_struct_conn.ptnr1_label_comp_id 
_struct_conn.ptnr1_label_seq_id 
_struct_conn.ptnr1_label_atom_id 
_struct_conn.pdbx_ptnr1_label_alt_id 
_struct_conn.pdbx_ptnr1_PDB_ins_code 
_struct_conn.pdbx_ptnr1_standard_comp_id 
_struct_conn.ptnr1_symmetry 
_struct_conn.ptnr2_label_asym_id 
_struct_conn.ptnr2_label_comp_id 
_struct_conn.ptnr2_label_seq_id 
_struct_conn.ptnr2_label_atom_id 
_struct_conn.pdbx_ptnr2_label_alt_id 
_struct_conn.pdbx_ptnr2_PDB_ins_code 
_struct_conn.ptnr1_auth_asym_id 
_struct_conn.ptnr1_auth_comp_id 
_struct_conn.ptnr1_auth_seq_id 
_struct_conn.ptnr2_auth_asym_id 
_struct_conn.ptnr2_auth_comp_id 
_struct_conn.ptnr2_auth_seq_id 
_struct_conn.ptnr2_symmetry 
_struct_conn.pdbx_ptnr3_label_atom_id 
_struct_conn.pdbx_ptnr3_label_seq_id 
_struct_conn.pdbx_ptnr3_label_comp_id 
_struct_conn.pdbx_ptnr3_label_asym_id 
_struct_conn.pdbx_ptnr3_label_alt_id 
_struct_conn.pdbx_ptnr3_PDB_ins_code 
_struct_conn.details 
_struct_conn.pdbx_dist_value 
_struct_conn.pdbx_value_order 
_struct_conn.pdbx_role 
metalc1  metalc ? ? A DG 3 O6 ? ? ? 1_555 C NA  . NA ? ? A DG 3  A NA  13 1_555 ? ? ? ? ? ? ?            2.582 ? ? 
metalc2  metalc ? ? C NA . NA ? ? ? 1_555 D HOH . O  ? ? A NA 13 A HOH 14 1_555 ? ? ? ? ? ? ?            2.435 ? ? 
metalc3  metalc ? ? C NA . NA ? ? ? 1_555 D HOH . O  ? ? A NA 13 A HOH 15 1_555 ? ? ? ? ? ? ?            2.469 ? ? 
hydrog1  hydrog ? ? A DC 2 N3 ? ? ? 1_555 B DG  5 N1 ? ? A DC 2  B DG  11 1_555 ? ? ? ? ? ? WATSON-CRICK ?     ? ? 
hydrog2  hydrog ? ? A DC 2 N4 ? ? ? 1_555 B DG  5 O6 ? ? A DC 2  B DG  11 1_555 ? ? ? ? ? ? WATSON-CRICK ?     ? ? 
hydrog3  hydrog ? ? A DC 2 O2 ? ? ? 1_555 B DG  5 N2 ? ? A DC 2  B DG  11 1_555 ? ? ? ? ? ? WATSON-CRICK ?     ? ? 
hydrog4  hydrog ? ? A DG 3 N1 ? ? ? 1_555 B DC  4 N3 ? ? A DG 3  B DC  10 1_555 ? ? ? ? ? ? WATSON-CRICK ?     ? ? 
hydrog5  hydrog ? ? A DG 3 N2 ? ? ? 1_555 B DC  4 O2 ? ? A DG 3  B DC  10 1_555 ? ? ? ? ? ? WATSON-CRICK ?     ? ? 
hydrog6  hydrog ? ? A DG 3 O6 ? ? ? 1_555 B DC  4 N4 ? ? A DG 3  B DC  10 1_555 ? ? ? ? ? ? WATSON-CRICK ?     ? ? 
hydrog7  hydrog ? ? A DC 4 N3 ? ? ? 1_555 B DG  3 N1 ? ? A DC 4  B DG  9  1_555 ? ? ? ? ? ? WATSON-CRICK ?     ? ? 
hydrog8  hydrog ? ? A DC 4 N4 ? ? ? 1_555 B DG  3 O6 ? ? A DC 4  B DG  9  1_555 ? ? ? ? ? ? WATSON-CRICK ?     ? ? 
hydrog9  hydrog ? ? A DC 4 O2 ? ? ? 1_555 B DG  3 N2 ? ? A DC 4  B DG  9  1_555 ? ? ? ? ? ? WATSON-CRICK ?     ? ? 
hydrog10 hydrog ? ? A DG 5 N1 ? ? ? 1_555 B DC  2 N3 ? ? A DG 5  B DC  8  1_555 ? ? ? ? ? ? WATSON-CRICK ?     ? ? 
hydrog11 hydrog ? ? A DG 5 N2 ? ? ? 1_555 B DC  2 O2 ? ? A DG 5  B DC  8  1_555 ? ? ? ? ? ? WATSON-CRICK ?     ? ? 
hydrog12 hydrog ? ? A DG 5 O6 ? ? ? 1_555 B DC  2 N4 ? ? A DG 5  B DC  8  1_555 ? ? ? ? ? ? WATSON-CRICK ?     ? ? 
# 
loop_
_struct_conn_type.id 
_struct_conn_type.criteria 
_struct_conn_type.reference 
metalc ? ? 
hydrog ? ? 
# 
loop_
_pdbx_struct_conn_angle.id 
_pdbx_struct_conn_angle.ptnr1_label_atom_id 
_pdbx_struct_conn_angle.ptnr1_label_alt_id 
_pdbx_struct_conn_angle.ptnr1_label_asym_id 
_pdbx_struct_conn_angle.ptnr1_label_comp_id 
_pdbx_struct_conn_angle.ptnr1_label_seq_id 
_pdbx_struct_conn_angle.ptnr1_auth_atom_id 
_pdbx_struct_conn_angle.ptnr1_auth_asym_id 
_pdbx_struct_conn_angle.ptnr1_auth_comp_id 
_pdbx_struct_conn_angle.ptnr1_auth_seq_id 
_pdbx_struct_conn_angle.ptnr1_PDB_ins_code 
_pdbx_struct_conn_angle.ptnr1_symmetry 
_pdbx_struct_conn_angle.ptnr2_label_atom_id 
_pdbx_struct_conn_angle.ptnr2_label_alt_id 
_pdbx_struct_conn_angle.ptnr2_label_asym_id 
_pdbx_struct_conn_angle.ptnr2_label_comp_id 
_pdbx_struct_conn_angle.ptnr2_label_seq_id 
_pdbx_struct_conn_angle.ptnr2_auth_atom_id 
_pdbx_struct_conn_angle.ptnr2_auth_asym_id 
_pdbx_struct_conn_angle.ptnr2_auth_comp_id 
_pdbx_struct_conn_angle.ptnr2_auth_seq_id 
_pdbx_struct_conn_angle.ptnr2_PDB_ins_code 
_pdbx_struct_conn_angle.ptnr2_symmetry 
_pdbx_struct_conn_angle.ptnr3_label_atom_id 
_pdbx_struct_conn_angle.ptnr3_label_alt_id 
_pdbx_struct_conn_angle.ptnr3_label_asym_id 
_pdbx_struct_conn_angle.ptnr3_label_comp_id 
_pdbx_struct_conn_angle.ptnr3_label_seq_id 
_pdbx_struct_conn_angle.ptnr3_auth_atom_id 
_pdbx_struct_conn_angle.ptnr3_auth_asym_id 
_pdbx_struct_conn_angle.ptnr3_auth_comp_id 
_pdbx_struct_conn_angle.ptnr3_auth_seq_id 
_pdbx_struct_conn_angle.ptnr3_PDB_ins_code 
_pdbx_struct_conn_angle.ptnr3_symmetry 
_pdbx_struct_conn_angle.value 
_pdbx_struct_conn_angle.value_esd 
1 O6 ? A DG  3 ? A DG  3  ? 1_555 NA ? C NA . ? A NA 13 ? 1_555 O ? D HOH . ? A HOH 14 ? 1_555 91.6 ? 
2 O6 ? A DG  3 ? A DG  3  ? 1_555 NA ? C NA . ? A NA 13 ? 1_555 O ? D HOH . ? A HOH 15 ? 1_555 88.0 ? 
3 O  ? D HOH . ? A HOH 14 ? 1_555 NA ? C NA . ? A NA 13 ? 1_555 O ? D HOH . ? A HOH 15 ? 1_555 89.9 ? 
# 
_struct_site.id                   AC1 
_struct_site.pdbx_evidence_code   Software 
_struct_site.pdbx_auth_asym_id    A 
_struct_site.pdbx_auth_comp_id    NA 
_struct_site.pdbx_auth_seq_id     13 
_struct_site.pdbx_auth_ins_code   ? 
_struct_site.pdbx_num_residues    6 
_struct_site.details              'BINDING SITE FOR RESIDUE NA A 13' 
# 
loop_
_struct_site_gen.id 
_struct_site_gen.site_id 
_struct_site_gen.pdbx_num_res 
_struct_site_gen.label_comp_id 
_struct_site_gen.label_asym_id 
_struct_site_gen.label_seq_id 
_struct_site_gen.pdbx_auth_ins_code 
_struct_site_gen.auth_comp_id 
_struct_site_gen.auth_asym_id 
_struct_site_gen.auth_seq_id 
_struct_site_gen.label_atom_id 
_struct_site_gen.label_alt_id 
_struct_site_gen.symmetry 
_struct_site_gen.details 
1 AC1 6 DG  A 3 ? DG  A 3  . ? 1_555 ? 
2 AC1 6 DG  A 3 ? DG  A 3  . ? 3_655 ? 
3 AC1 6 HOH D . ? HOH A 14 . ? 1_555 ? 
4 AC1 6 HOH D . ? HOH A 14 . ? 3_655 ? 
5 AC1 6 HOH D . ? HOH A 15 . ? 1_555 ? 
6 AC1 6 HOH D . ? HOH A 15 . ? 3_655 ? 
# 
_pdbx_validate_close_contact.id               1 
_pdbx_validate_close_contact.PDB_model_num    1 
_pdbx_validate_close_contact.auth_atom_id_1   H21 
_pdbx_validate_close_contact.auth_asym_id_1   A 
_pdbx_validate_close_contact.auth_comp_id_1   DG 
_pdbx_validate_close_contact.auth_seq_id_1    3 
_pdbx_validate_close_contact.PDB_ins_code_1   ? 
_pdbx_validate_close_contact.label_alt_id_1   ? 
_pdbx_validate_close_contact.auth_atom_id_2   H1 
_pdbx_validate_close_contact.auth_asym_id_2   A 
_pdbx_validate_close_contact.auth_comp_id_2   HOH 
_pdbx_validate_close_contact.auth_seq_id_2    20 
_pdbx_validate_close_contact.PDB_ins_code_2   ? 
_pdbx_validate_close_contact.label_alt_id_2   ? 
_pdbx_validate_close_contact.dist             1.20 
# 
loop_
_pdbx_validate_rmsd_angle.id 
_pdbx_validate_rmsd_angle.PDB_model_num 
_pdbx_validate_rmsd_angle.auth_atom_id_1 
_pdbx_validate_rmsd_angle.auth_asym_id_1 
_pdbx_validate_rmsd_angle.auth_comp_id_1 
_pdbx_validate_rmsd_angle.auth_seq_id_1 
_pdbx_validate_rmsd_angle.PDB_ins_code_1 
_pdbx_validate_rmsd_angle.label_alt_id_1 
_pdbx_validate_rmsd_angle.auth_atom_id_2 
_pdbx_validate_rmsd_angle.auth_asym_id_2 
_pdbx_validate_rmsd_angle.auth_comp_id_2 
_pdbx_validate_rmsd_angle.auth_seq_id_2 
_pdbx_validate_rmsd_angle.PDB_ins_code_2 
_pdbx_validate_rmsd_angle.label_alt_id_2 
_pdbx_validate_rmsd_angle.auth_atom_id_3 
_pdbx_validate_rmsd_angle.auth_asym_id_3 
_pdbx_validate_rmsd_angle.auth_comp_id_3 
_pdbx_validate_rmsd_angle.auth_seq_id_3 
_pdbx_validate_rmsd_angle.PDB_ins_code_3 
_pdbx_validate_rmsd_angle.label_alt_id_3 
_pdbx_validate_rmsd_angle.angle_value 
_pdbx_validate_rmsd_angle.angle_target_value 
_pdbx_validate_rmsd_angle.angle_deviation 
_pdbx_validate_rmsd_angle.angle_standard_deviation 
_pdbx_validate_rmsd_angle.linker_flag 
1  1 "O4'" A DC 1  ? ? "C1'" A DC 1  ? ? N1    A DC 1  ? ? 102.34 108.00 -5.66 0.70 N 
2  1 N1    A DC 1  ? ? C2    A DC 1  ? ? O2    A DC 1  ? ? 122.53 118.90 3.63  0.60 N 
3  1 "O4'" A DC 2  ? ? "C1'" A DC 2  ? ? N1    A DC 2  ? ? 111.84 108.30 3.54  0.30 N 
4  1 "O4'" A DC 4  ? ? "C1'" A DC 4  ? ? N1    A DC 4  ? ? 111.28 108.30 2.98  0.30 N 
5  1 N1    A DC 4  ? ? C2    A DC 4  ? ? O2    A DC 4  ? ? 124.98 118.90 6.08  0.60 N 
6  1 N3    A DC 4  ? ? C2    A DC 4  ? ? O2    A DC 4  ? ? 116.78 121.90 -5.12 0.70 N 
7  1 P     A DG 6  ? ? "O5'" A DG 6  ? ? "C5'" A DG 6  ? ? 131.68 120.90 10.78 1.60 N 
8  1 "O4'" B DC 7  ? ? "C1'" B DC 7  ? ? N1    B DC 7  ? ? 111.68 108.30 3.38  0.30 N 
9  1 "C3'" B DC 7  ? ? "O3'" B DC 7  ? ? P     B DC 8  ? ? 130.68 119.70 10.98 1.20 Y 
10 1 C2    B DC 8  ? ? N3    B DC 8  ? ? C4    B DC 8  ? ? 124.15 119.90 4.25  0.50 N 
11 1 N3    B DC 8  ? ? C4    B DC 8  ? ? C5    B DC 8  ? ? 118.62 121.90 -3.28 0.40 N 
12 1 "O4'" B DG 12 ? ? "C1'" B DG 12 ? ? N9    B DG 12 ? ? 112.98 108.30 4.68  0.30 N 
13 1 C8    B DG 12 ? ? N9    B DG 12 ? ? C4    B DG 12 ? ? 103.74 106.40 -2.66 0.40 N 
# 
loop_
_pdbx_struct_special_symmetry.id 
_pdbx_struct_special_symmetry.PDB_model_num 
_pdbx_struct_special_symmetry.auth_asym_id 
_pdbx_struct_special_symmetry.auth_comp_id 
_pdbx_struct_special_symmetry.auth_seq_id 
_pdbx_struct_special_symmetry.PDB_ins_code 
_pdbx_struct_special_symmetry.label_asym_id 
_pdbx_struct_special_symmetry.label_comp_id 
_pdbx_struct_special_symmetry.label_seq_id 
1 1 A NA  13 ? C NA  . 
2 1 B HOH 44 ? E HOH . 
# 
loop_
_refine_B_iso.class 
_refine_B_iso.details 
_refine_B_iso.treatment 
_refine_B_iso.pdbx_refine_id 
'ALL ATOMS'  ? ? 'X-RAY DIFFRACTION' 
'ALL WATERS' ? ? 'X-RAY DIFFRACTION' 
# 
loop_
_refine_occupancy.class 
_refine_occupancy.treatment 
_refine_occupancy.pdbx_refine_id 
'ALL ATOMS'  ? 'X-RAY DIFFRACTION' 
'ALL WATERS' ? 'X-RAY DIFFRACTION' 
# 
loop_
_chem_comp_atom.comp_id 
_chem_comp_atom.atom_id 
_chem_comp_atom.type_symbol 
_chem_comp_atom.pdbx_aromatic_flag 
_chem_comp_atom.pdbx_stereo_config 
_chem_comp_atom.pdbx_ordinal 
DC  OP3    O  N N 1  
DC  P      P  N N 2  
DC  OP1    O  N N 3  
DC  OP2    O  N N 4  
DC  "O5'"  O  N N 5  
DC  "C5'"  C  N N 6  
DC  "C4'"  C  N R 7  
DC  "O4'"  O  N N 8  
DC  "C3'"  C  N S 9  
DC  "O3'"  O  N N 10 
DC  "C2'"  C  N N 11 
DC  "C1'"  C  N R 12 
DC  N1     N  N N 13 
DC  C2     C  N N 14 
DC  O2     O  N N 15 
DC  N3     N  N N 16 
DC  C4     C  N N 17 
DC  N4     N  N N 18 
DC  C5     C  N N 19 
DC  C6     C  N N 20 
DC  HOP3   H  N N 21 
DC  HOP2   H  N N 22 
DC  "H5'"  H  N N 23 
DC  "H5''" H  N N 24 
DC  "H4'"  H  N N 25 
DC  "H3'"  H  N N 26 
DC  "HO3'" H  N N 27 
DC  "H2'"  H  N N 28 
DC  "H2''" H  N N 29 
DC  "H1'"  H  N N 30 
DC  H41    H  N N 31 
DC  H42    H  N N 32 
DC  H5     H  N N 33 
DC  H6     H  N N 34 
DG  OP3    O  N N 35 
DG  P      P  N N 36 
DG  OP1    O  N N 37 
DG  OP2    O  N N 38 
DG  "O5'"  O  N N 39 
DG  "C5'"  C  N N 40 
DG  "C4'"  C  N R 41 
DG  "O4'"  O  N N 42 
DG  "C3'"  C  N S 43 
DG  "O3'"  O  N N 44 
DG  "C2'"  C  N N 45 
DG  "C1'"  C  N R 46 
DG  N9     N  Y N 47 
DG  C8     C  Y N 48 
DG  N7     N  Y N 49 
DG  C5     C  Y N 50 
DG  C6     C  N N 51 
DG  O6     O  N N 52 
DG  N1     N  N N 53 
DG  C2     C  N N 54 
DG  N2     N  N N 55 
DG  N3     N  N N 56 
DG  C4     C  Y N 57 
DG  HOP3   H  N N 58 
DG  HOP2   H  N N 59 
DG  "H5'"  H  N N 60 
DG  "H5''" H  N N 61 
DG  "H4'"  H  N N 62 
DG  "H3'"  H  N N 63 
DG  "HO3'" H  N N 64 
DG  "H2'"  H  N N 65 
DG  "H2''" H  N N 66 
DG  "H1'"  H  N N 67 
DG  H8     H  N N 68 
DG  H1     H  N N 69 
DG  H21    H  N N 70 
DG  H22    H  N N 71 
HOH O      O  N N 72 
HOH H1     H  N N 73 
HOH H2     H  N N 74 
NA  NA     NA N N 75 
# 
loop_
_chem_comp_bond.comp_id 
_chem_comp_bond.atom_id_1 
_chem_comp_bond.atom_id_2 
_chem_comp_bond.value_order 
_chem_comp_bond.pdbx_aromatic_flag 
_chem_comp_bond.pdbx_stereo_config 
_chem_comp_bond.pdbx_ordinal 
DC  OP3   P      sing N N 1  
DC  OP3   HOP3   sing N N 2  
DC  P     OP1    doub N N 3  
DC  P     OP2    sing N N 4  
DC  P     "O5'"  sing N N 5  
DC  OP2   HOP2   sing N N 6  
DC  "O5'" "C5'"  sing N N 7  
DC  "C5'" "C4'"  sing N N 8  
DC  "C5'" "H5'"  sing N N 9  
DC  "C5'" "H5''" sing N N 10 
DC  "C4'" "O4'"  sing N N 11 
DC  "C4'" "C3'"  sing N N 12 
DC  "C4'" "H4'"  sing N N 13 
DC  "O4'" "C1'"  sing N N 14 
DC  "C3'" "O3'"  sing N N 15 
DC  "C3'" "C2'"  sing N N 16 
DC  "C3'" "H3'"  sing N N 17 
DC  "O3'" "HO3'" sing N N 18 
DC  "C2'" "C1'"  sing N N 19 
DC  "C2'" "H2'"  sing N N 20 
DC  "C2'" "H2''" sing N N 21 
DC  "C1'" N1     sing N N 22 
DC  "C1'" "H1'"  sing N N 23 
DC  N1    C2     sing N N 24 
DC  N1    C6     sing N N 25 
DC  C2    O2     doub N N 26 
DC  C2    N3     sing N N 27 
DC  N3    C4     doub N N 28 
DC  C4    N4     sing N N 29 
DC  C4    C5     sing N N 30 
DC  N4    H41    sing N N 31 
DC  N4    H42    sing N N 32 
DC  C5    C6     doub N N 33 
DC  C5    H5     sing N N 34 
DC  C6    H6     sing N N 35 
DG  OP3   P      sing N N 36 
DG  OP3   HOP3   sing N N 37 
DG  P     OP1    doub N N 38 
DG  P     OP2    sing N N 39 
DG  P     "O5'"  sing N N 40 
DG  OP2   HOP2   sing N N 41 
DG  "O5'" "C5'"  sing N N 42 
DG  "C5'" "C4'"  sing N N 43 
DG  "C5'" "H5'"  sing N N 44 
DG  "C5'" "H5''" sing N N 45 
DG  "C4'" "O4'"  sing N N 46 
DG  "C4'" "C3'"  sing N N 47 
DG  "C4'" "H4'"  sing N N 48 
DG  "O4'" "C1'"  sing N N 49 
DG  "C3'" "O3'"  sing N N 50 
DG  "C3'" "C2'"  sing N N 51 
DG  "C3'" "H3'"  sing N N 52 
DG  "O3'" "HO3'" sing N N 53 
DG  "C2'" "C1'"  sing N N 54 
DG  "C2'" "H2'"  sing N N 55 
DG  "C2'" "H2''" sing N N 56 
DG  "C1'" N9     sing N N 57 
DG  "C1'" "H1'"  sing N N 58 
DG  N9    C8     sing Y N 59 
DG  N9    C4     sing Y N 60 
DG  C8    N7     doub Y N 61 
DG  C8    H8     sing N N 62 
DG  N7    C5     sing Y N 63 
DG  C5    C6     sing N N 64 
DG  C5    C4     doub Y N 65 
DG  C6    O6     doub N N 66 
DG  C6    N1     sing N N 67 
DG  N1    C2     sing N N 68 
DG  N1    H1     sing N N 69 
DG  C2    N2     sing N N 70 
DG  C2    N3     doub N N 71 
DG  N2    H21    sing N N 72 
DG  N2    H22    sing N N 73 
DG  N3    C4     sing N N 74 
HOH O     H1     sing N N 75 
HOH O     H2     sing N N 76 
# 
_ndb_struct_conf_na.entry_id   192D 
_ndb_struct_conf_na.feature    'z-form double helix' 
# 
loop_
_ndb_struct_na_base_pair.model_number 
_ndb_struct_na_base_pair.i_label_asym_id 
_ndb_struct_na_base_pair.i_label_comp_id 
_ndb_struct_na_base_pair.i_label_seq_id 
_ndb_struct_na_base_pair.i_symmetry 
_ndb_struct_na_base_pair.j_label_asym_id 
_ndb_struct_na_base_pair.j_label_comp_id 
_ndb_struct_na_base_pair.j_label_seq_id 
_ndb_struct_na_base_pair.j_symmetry 
_ndb_struct_na_base_pair.shear 
_ndb_struct_na_base_pair.stretch 
_ndb_struct_na_base_pair.stagger 
_ndb_struct_na_base_pair.buckle 
_ndb_struct_na_base_pair.propeller 
_ndb_struct_na_base_pair.opening 
_ndb_struct_na_base_pair.pair_number 
_ndb_struct_na_base_pair.pair_name 
_ndb_struct_na_base_pair.i_auth_asym_id 
_ndb_struct_na_base_pair.i_auth_seq_id 
_ndb_struct_na_base_pair.i_PDB_ins_code 
_ndb_struct_na_base_pair.j_auth_asym_id 
_ndb_struct_na_base_pair.j_auth_seq_id 
_ndb_struct_na_base_pair.j_PDB_ins_code 
_ndb_struct_na_base_pair.hbond_type_28 
_ndb_struct_na_base_pair.hbond_type_12 
1 A DC 2 1_555 B DG 5 1_555 -0.110 -0.188 0.050  3.877  -4.790 1.889 1 A_DC2:DG11_B A 2 ? B 11 ? 19 1 
1 A DG 3 1_555 B DC 4 1_555 0.343  -0.196 -0.296 -8.917 -9.437 2.101 2 A_DG3:DC10_B A 3 ? B 10 ? 19 1 
1 A DC 4 1_555 B DG 3 1_555 -0.395 -0.193 -0.255 5.908  -4.454 0.705 3 A_DC4:DG9_B  A 4 ? B 9  ? 19 1 
1 A DG 5 1_555 B DC 2 1_555 0.263  -0.165 -0.026 -1.902 -1.025 3.254 4 A_DG5:DC8_B  A 5 ? B 8  ? 19 1 
# 
loop_
_ndb_struct_na_base_pair_step.model_number 
_ndb_struct_na_base_pair_step.i_label_asym_id_1 
_ndb_struct_na_base_pair_step.i_label_comp_id_1 
_ndb_struct_na_base_pair_step.i_label_seq_id_1 
_ndb_struct_na_base_pair_step.i_symmetry_1 
_ndb_struct_na_base_pair_step.j_label_asym_id_1 
_ndb_struct_na_base_pair_step.j_label_comp_id_1 
_ndb_struct_na_base_pair_step.j_label_seq_id_1 
_ndb_struct_na_base_pair_step.j_symmetry_1 
_ndb_struct_na_base_pair_step.i_label_asym_id_2 
_ndb_struct_na_base_pair_step.i_label_comp_id_2 
_ndb_struct_na_base_pair_step.i_label_seq_id_2 
_ndb_struct_na_base_pair_step.i_symmetry_2 
_ndb_struct_na_base_pair_step.j_label_asym_id_2 
_ndb_struct_na_base_pair_step.j_label_comp_id_2 
_ndb_struct_na_base_pair_step.j_label_seq_id_2 
_ndb_struct_na_base_pair_step.j_symmetry_2 
_ndb_struct_na_base_pair_step.shift 
_ndb_struct_na_base_pair_step.slide 
_ndb_struct_na_base_pair_step.rise 
_ndb_struct_na_base_pair_step.tilt 
_ndb_struct_na_base_pair_step.roll 
_ndb_struct_na_base_pair_step.twist 
_ndb_struct_na_base_pair_step.x_displacement 
_ndb_struct_na_base_pair_step.y_displacement 
_ndb_struct_na_base_pair_step.helical_rise 
_ndb_struct_na_base_pair_step.inclination 
_ndb_struct_na_base_pair_step.tip 
_ndb_struct_na_base_pair_step.helical_twist 
_ndb_struct_na_base_pair_step.step_number 
_ndb_struct_na_base_pair_step.step_name 
_ndb_struct_na_base_pair_step.i_auth_asym_id_1 
_ndb_struct_na_base_pair_step.i_auth_seq_id_1 
_ndb_struct_na_base_pair_step.i_PDB_ins_code_1 
_ndb_struct_na_base_pair_step.j_auth_asym_id_1 
_ndb_struct_na_base_pair_step.j_auth_seq_id_1 
_ndb_struct_na_base_pair_step.j_PDB_ins_code_1 
_ndb_struct_na_base_pair_step.i_auth_asym_id_2 
_ndb_struct_na_base_pair_step.i_auth_seq_id_2 
_ndb_struct_na_base_pair_step.i_PDB_ins_code_2 
_ndb_struct_na_base_pair_step.j_auth_asym_id_2 
_ndb_struct_na_base_pair_step.j_auth_seq_id_2 
_ndb_struct_na_base_pair_step.j_PDB_ins_code_2 
1 A DC 2 1_555 B DG 5 1_555 A DG 3 1_555 B DC 4 1_555 -0.095 5.504  3.750 -0.935 -8.824 -5.774  0.464  -3.728 6.624 56.691 -6.010 
-10.583 1 AA_DC2DG3:DC10DG11_BB A 2 ? B 11 ? A 3 ? B 10 ? 
1 A DG 3 1_555 B DC 4 1_555 A DC 4 1_555 B DG 3 1_555 -0.219 -1.253 3.198 0.326  -6.762 -47.747 2.038  -0.244 3.006 8.305  0.400  
-48.197 2 AA_DG3DC4:DG9DC10_BB  A 3 ? B 10 ? A 4 ? B 9  ? 
1 A DC 4 1_555 B DG 3 1_555 A DG 5 1_555 B DC 2 1_555 0.186  5.395  3.577 0.872  -6.769 -6.172  -6.413 4.670  6.350 47.530 6.125  
-9.199  3 AA_DC4DG5:DC8DG9_BB   A 4 ? B 9  ? A 5 ? B 8  ? 
# 
_atom_sites.entry_id                    192D 
_atom_sites.fract_transf_matrix[1][1]   0.01184670 
_atom_sites.fract_transf_matrix[1][2]   0.01934541 
_atom_sites.fract_transf_matrix[1][3]   -0.01827319 
_atom_sites.fract_transf_matrix[2][1]   -0.00388130 
_atom_sites.fract_transf_matrix[2][2]   -0.01406084 
_atom_sites.fract_transf_matrix[2][3]   -0.01740218 
_atom_sites.fract_transf_matrix[3][1]   -0.02344984 
_atom_sites.fract_transf_matrix[3][2]   0.01094618 
_atom_sites.fract_transf_matrix[3][3]   -0.00361429 
_atom_sites.fract_transf_vector[1]      0.312809 
_atom_sites.fract_transf_vector[2]      0.162956 
_atom_sites.fract_transf_vector[3]      0.255816 
# 
loop_
_atom_type.symbol 
C  
H  
N  
NA 
O  
P  
# 
loop_
_atom_site.group_PDB 
_atom_site.id 
_atom_site.type_symbol 
_atom_site.label_atom_id 
_atom_site.label_alt_id 
_atom_site.label_comp_id 
_atom_site.label_asym_id 
_atom_site.label_entity_id 
_atom_site.label_seq_id 
_atom_site.pdbx_PDB_ins_code 
_atom_site.Cartn_x 
_atom_site.Cartn_y 
_atom_site.Cartn_z 
_atom_site.occupancy 
_atom_site.B_iso_or_equiv 
_atom_site.pdbx_formal_charge 
_atom_site.auth_seq_id 
_atom_site.auth_comp_id 
_atom_site.auth_asym_id 
_atom_site.auth_atom_id 
_atom_site.pdbx_PDB_model_num 
ATOM   1   O  "O5'"  . DC  A 1 1 ? 0.756   14.067 3.850   1.00 16.65 ? 1  DC  A "O5'"  1 
ATOM   2   C  "C5'"  . DC  A 1 1 ? 1.305   12.777 3.595   1.00 15.44 ? 1  DC  A "C5'"  1 
ATOM   3   C  "C4'"  . DC  A 1 1 ? 1.002   12.321 2.165   1.00 14.21 ? 1  DC  A "C4'"  1 
ATOM   4   O  "O4'"  . DC  A 1 1 ? 1.529   13.250 1.223   1.00 11.20 ? 1  DC  A "O4'"  1 
ATOM   5   C  "C3'"  . DC  A 1 1 ? 1.715   11.043 1.802   1.00 14.21 ? 1  DC  A "C3'"  1 
ATOM   6   O  "O3'"  . DC  A 1 1 ? 0.944   9.918  2.199   1.00 18.25 ? 1  DC  A "O3'"  1 
ATOM   7   C  "C2'"  . DC  A 1 1 ? 1.843   11.099 0.299   1.00 11.49 ? 1  DC  A "C2'"  1 
ATOM   8   C  "C1'"  . DC  A 1 1 ? 1.764   12.576 -0.025  1.00 8.73  ? 1  DC  A "C1'"  1 
ATOM   9   N  N1     . DC  A 1 1 ? 2.994   13.225 -0.507  1.00 8.28  ? 1  DC  A N1     1 
ATOM   10  C  C2     . DC  A 1 1 ? 2.864   14.310 -1.355  1.00 5.06  ? 1  DC  A C2     1 
ATOM   11  O  O2     . DC  A 1 1 ? 1.764   14.702 -1.772  1.00 5.42  ? 1  DC  A O2     1 
ATOM   12  N  N3     . DC  A 1 1 ? 4.002   14.935 -1.720  1.00 4.80  ? 1  DC  A N3     1 
ATOM   13  C  C4     . DC  A 1 1 ? 5.229   14.529 -1.292  1.00 7.32  ? 1  DC  A C4     1 
ATOM   14  N  N4     . DC  A 1 1 ? 6.339   15.190 -1.657  1.00 6.49  ? 1  DC  A N4     1 
ATOM   15  C  C5     . DC  A 1 1 ? 5.362   13.390 -0.445  1.00 4.49  ? 1  DC  A C5     1 
ATOM   16  C  C6     . DC  A 1 1 ? 4.220   12.784 -0.090  1.00 6.07  ? 1  DC  A C6     1 
ATOM   17  H  H41    . DC  A 1 1 ? 7.243   14.878 -1.333  1.00 12.44 ? 1  DC  A H41    1 
ATOM   18  H  H42    . DC  A 1 1 ? 6.270   15.999 -2.257  1.00 14.50 ? 1  DC  A H42    1 
ATOM   19  H  "HO5'" . DC  A 1 1 ? -0.194  14.002 3.724   1.00 16.42 ? 1  DC  A "HO5'" 1 
ATOM   20  P  P      . DC  A 1 2 ? 1.749   8.534  2.622   1.00 21.14 ? 2  DC  A P      1 
ATOM   21  O  OP1    . DC  A 1 2 ? 2.560   8.787  3.863   1.00 19.23 ? 2  DC  A OP1    1 
ATOM   22  O  OP2    . DC  A 1 2 ? 2.459   7.972  1.396   1.00 20.15 ? 2  DC  A OP2    1 
ATOM   23  O  "O5'"  . DC  A 1 2 ? 0.510   7.652  2.938   1.00 17.26 ? 2  DC  A "O5'"  1 
ATOM   24  C  "C5'"  . DC  A 1 2 ? -0.548  7.274  2.032   1.00 13.13 ? 2  DC  A "C5'"  1 
ATOM   25  C  "C4'"  . DC  A 1 2 ? -1.168  5.995  2.585   1.00 9.70  ? 2  DC  A "C4'"  1 
ATOM   26  O  "O4'"  . DC  A 1 2 ? -0.327  4.907  2.315   1.00 6.45  ? 2  DC  A "O4'"  1 
ATOM   27  C  "C3'"  . DC  A 1 2 ? -1.262  6.047  4.094   1.00 9.23  ? 2  DC  A "C3'"  1 
ATOM   28  O  "O3'"  . DC  A 1 2 ? -2.293  5.192  4.524   1.00 13.02 ? 2  DC  A "O3'"  1 
ATOM   29  C  "C2'"  . DC  A 1 2 ? 0.004   5.374  4.541   1.00 7.08  ? 2  DC  A "C2'"  1 
ATOM   30  C  "C1'"  . DC  A 1 2 ? 0.219   4.359  3.486   1.00 6.56  ? 2  DC  A "C1'"  1 
ATOM   31  N  N1     . DC  A 1 2 ? 1.653   3.999  3.312   1.00 7.63  ? 2  DC  A N1     1 
ATOM   32  C  C2     . DC  A 1 2 ? 2.171   3.025  4.151   1.00 8.33  ? 2  DC  A C2     1 
ATOM   33  O  O2     . DC  A 1 2 ? 1.497   2.495  5.033   1.00 6.88  ? 2  DC  A O2     1 
ATOM   34  N  N3     . DC  A 1 2 ? 3.465   2.643  3.981   1.00 6.66  ? 2  DC  A N3     1 
ATOM   35  C  C4     . DC  A 1 2 ? 4.235   3.182  3.037   1.00 7.82  ? 2  DC  A C4     1 
ATOM   36  N  N4     . DC  A 1 2 ? 5.497   2.736  2.894   1.00 8.64  ? 2  DC  A N4     1 
ATOM   37  C  C5     . DC  A 1 2 ? 3.737   4.210  2.183   1.00 5.85  ? 2  DC  A C5     1 
ATOM   38  C  C6     . DC  A 1 2 ? 2.448   4.581  2.362   1.00 8.11  ? 2  DC  A C6     1 
ATOM   39  H  H41    . DC  A 1 2 ? 6.094   3.130  2.180   1.00 14.20 ? 2  DC  A H41    1 
ATOM   40  H  H42    . DC  A 1 2 ? 5.847   2.008  3.499   1.00 13.61 ? 2  DC  A H42    1 
ATOM   41  P  P      . DG  A 1 3 ? -3.787  5.664  4.749   1.00 12.84 ? 3  DG  A P      1 
ATOM   42  O  OP1    . DG  A 1 3 ? -3.734  6.968  5.421   1.00 15.53 ? 3  DG  A OP1    1 
ATOM   43  O  OP2    . DG  A 1 3 ? -4.502  4.517  5.362   1.00 15.33 ? 3  DG  A OP2    1 
ATOM   44  O  "O5'"  . DG  A 1 3 ? -4.381  5.928  3.299   1.00 13.46 ? 3  DG  A "O5'"  1 
ATOM   45  C  "C5'"  . DG  A 1 3 ? -4.608  4.813  2.452   1.00 11.08 ? 3  DG  A "C5'"  1 
ATOM   46  C  "C4'"  . DG  A 1 3 ? -5.101  5.351  1.147   1.00 10.85 ? 3  DG  A "C4'"  1 
ATOM   47  O  "O4'"  . DG  A 1 3 ? -4.110  6.179  0.582   1.00 9.34  ? 3  DG  A "O4'"  1 
ATOM   48  C  "C3'"  . DG  A 1 3 ? -5.346  4.198  0.176   1.00 11.78 ? 3  DG  A "C3'"  1 
ATOM   49  O  "O3'"  . DG  A 1 3 ? -6.750  3.997  0.149   1.00 16.02 ? 3  DG  A "O3'"  1 
ATOM   50  C  "C2'"  . DG  A 1 3 ? -4.919  4.745  -1.147  1.00 9.39  ? 3  DG  A "C2'"  1 
ATOM   51  C  "C1'"  . DG  A 1 3 ? -3.963  5.862  -0.810  1.00 8.32  ? 3  DG  A "C1'"  1 
ATOM   52  N  N9     . DG  A 1 3 ? -2.543  5.587  -1.086  1.00 7.82  ? 3  DG  A N9     1 
ATOM   53  C  C8     . DG  A 1 3 ? -1.702  6.335  -1.832  1.00 7.07  ? 3  DG  A C8     1 
ATOM   54  N  N7     . DG  A 1 3 ? -0.492  5.887  -1.841  1.00 8.68  ? 3  DG  A N7     1 
ATOM   55  C  C5     . DG  A 1 3 ? -0.559  4.753  -1.048  1.00 6.36  ? 3  DG  A C5     1 
ATOM   56  C  C6     . DG  A 1 3 ? 0.454   3.850  -0.689  1.00 7.17  ? 3  DG  A C6     1 
ATOM   57  O  O6     . DG  A 1 3 ? 1.639   3.912  -1.027  1.00 6.27  ? 3  DG  A O6     1 
ATOM   58  N  N1     . DG  A 1 3 ? -0.004  2.831  0.128   1.00 5.00  ? 3  DG  A N1     1 
ATOM   59  C  C2     . DG  A 1 3 ? -1.301  2.688  0.549   1.00 7.21  ? 3  DG  A C2     1 
ATOM   60  N  N2     . DG  A 1 3 ? -1.594  1.665  1.361   1.00 5.78  ? 3  DG  A N2     1 
ATOM   61  N  N3     . DG  A 1 3 ? -2.258  3.530  0.188   1.00 7.60  ? 3  DG  A N3     1 
ATOM   62  C  C4     . DG  A 1 3 ? -1.812  4.546  -0.595  1.00 7.11  ? 3  DG  A C4     1 
ATOM   63  H  H1     . DG  A 1 3 ? 0.684   2.154  0.425   1.00 13.16 ? 3  DG  A H1     1 
ATOM   64  H  H21    . DG  A 1 3 ? -2.550  1.505  1.646   1.00 15.08 ? 3  DG  A H21    1 
ATOM   65  H  H22    . DG  A 1 3 ? -0.860  1.055  1.688   1.00 14.85 ? 3  DG  A H22    1 
ATOM   66  P  P      . DC  A 1 4 ? -7.362  2.560  0.452   1.00 20.98 ? 4  DC  A P      1 
ATOM   67  O  OP1    . DC  A 1 4 ? -8.843  2.685  0.308   1.00 21.68 ? 4  DC  A OP1    1 
ATOM   68  O  OP2    . DC  A 1 4 ? -6.787  2.034  1.717   1.00 21.18 ? 4  DC  A OP2    1 
ATOM   69  O  "O5'"  . DC  A 1 4 ? -6.822  1.740  -0.826  1.00 17.23 ? 4  DC  A "O5'"  1 
ATOM   70  C  "C5'"  . DC  A 1 4 ? -7.390  0.508  -1.208  1.00 13.43 ? 4  DC  A "C5'"  1 
ATOM   71  C  "C4'"  . DC  A 1 4 ? -6.418  -0.651 -1.041  1.00 11.81 ? 4  DC  A "C4'"  1 
ATOM   72  O  "O4'"  . DC  A 1 4 ? -5.314  -0.563 -1.945  1.00 10.18 ? 4  DC  A "O4'"  1 
ATOM   73  C  "C3'"  . DC  A 1 4 ? -5.857  -0.795 0.337   1.00 11.02 ? 4  DC  A "C3'"  1 
ATOM   74  O  "O3'"  . DC  A 1 4 ? -5.801  -2.182 0.555   1.00 12.08 ? 4  DC  A "O3'"  1 
ATOM   75  C  "C2'"  . DC  A 1 4 ? -4.452  -0.244 0.173   1.00 10.99 ? 4  DC  A "C2'"  1 
ATOM   76  C  "C1'"  . DC  A 1 4 ? -4.067  -0.671 -1.222  1.00 11.09 ? 4  DC  A "C1'"  1 
ATOM   77  N  N1     . DC  A 1 4 ? -3.008  0.162  -1.847  1.00 7.55  ? 4  DC  A N1     1 
ATOM   78  C  C2     . DC  A 1 4 ? -1.683  -0.244 -1.737  1.00 6.30  ? 4  DC  A C2     1 
ATOM   79  O  O2     . DC  A 1 4 ? -1.302  -1.236 -1.135  1.00 7.29  ? 4  DC  A O2     1 
ATOM   80  N  N3     . DC  A 1 4 ? -0.734  0.499  -2.345  1.00 7.19  ? 4  DC  A N3     1 
ATOM   81  C  C4     . DC  A 1 4 ? -1.050  1.605  -3.032  1.00 4.28  ? 4  DC  A C4     1 
ATOM   82  N  N4     . DC  A 1 4 ? -0.050  2.284  -3.613  1.00 6.30  ? 4  DC  A N4     1 
ATOM   83  C  C5     . DC  A 1 4 ? -2.411  2.047  -3.144  1.00 4.61  ? 4  DC  A C5     1 
ATOM   84  C  C6     . DC  A 1 4 ? -3.350  1.301  -2.529  1.00 3.96  ? 4  DC  A C6     1 
ATOM   85  H  H41    . DC  A 1 4 ? -0.241  3.154  -4.090  1.00 17.33 ? 4  DC  A H41    1 
ATOM   86  H  H42    . DC  A 1 4 ? 0.893   1.926  -3.575  1.00 16.32 ? 4  DC  A H42    1 
ATOM   87  P  P      . DG  A 1 5 ? -6.903  -2.960 1.455   1.00 11.66 ? 5  DG  A P      1 
ATOM   88  O  OP1    . DG  A 1 5 ? -7.147  -2.157 2.651   1.00 12.48 ? 5  DG  A OP1    1 
ATOM   89  O  OP2    . DG  A 1 5 ? -6.390  -4.344 1.497   1.00 12.55 ? 5  DG  A OP2    1 
ATOM   90  O  "O5'"  . DG  A 1 5 ? -8.248  -2.916 0.584   1.00 11.03 ? 5  DG  A "O5'"  1 
ATOM   91  C  "C5'"  . DG  A 1 5 ? -8.423  -3.821 -0.500  1.00 7.72  ? 5  DG  A "C5'"  1 
ATOM   92  C  "C4'"  . DG  A 1 5 ? -9.771  -3.450 -1.128  1.00 8.19  ? 5  DG  A "C4'"  1 
ATOM   93  O  "O4'"  . DG  A 1 5 ? -9.717  -2.204 -1.835  1.00 6.38  ? 5  DG  A "O4'"  1 
ATOM   94  C  "C3'"  . DG  A 1 5 ? -10.192 -4.492 -2.162  1.00 7.89  ? 5  DG  A "C3'"  1 
ATOM   95  O  "O3'"  . DG  A 1 5 ? -11.629 -4.629 -2.097  1.00 9.52  ? 5  DG  A "O3'"  1 
ATOM   96  C  "C2'"  . DG  A 1 5 ? -9.797  -3.868 -3.511  1.00 7.56  ? 5  DG  A "C2'"  1 
ATOM   97  C  "C1'"  . DG  A 1 5 ? -9.904  -2.383 -3.245  1.00 6.94  ? 5  DG  A "C1'"  1 
ATOM   98  N  N9     . DG  A 1 5 ? -8.914  -1.553 -3.938  1.00 7.44  ? 5  DG  A N9     1 
ATOM   99  C  C8     . DG  A 1 5 ? -9.179  -0.333 -4.512  1.00 7.27  ? 5  DG  A C8     1 
ATOM   100 N  N7     . DG  A 1 5 ? -8.148  0.234  -5.027  1.00 7.63  ? 5  DG  A N7     1 
ATOM   101 C  C5     . DG  A 1 5 ? -7.089  -0.657 -4.759  1.00 8.84  ? 5  DG  A C5     1 
ATOM   102 C  C6     . DG  A 1 5 ? -5.712  -0.517 -5.035  1.00 8.30  ? 5  DG  A C6     1 
ATOM   103 O  O6     . DG  A 1 5 ? -5.184  0.449  -5.545  1.00 7.96  ? 5  DG  A O6     1 
ATOM   104 N  N1     . DG  A 1 5 ? -4.949  -1.609 -4.602  1.00 8.78  ? 5  DG  A N1     1 
ATOM   105 C  C2     . DG  A 1 5 ? -5.460  -2.705 -3.925  1.00 8.22  ? 5  DG  A C2     1 
ATOM   106 N  N2     . DG  A 1 5 ? -4.607  -3.653 -3.514  1.00 5.43  ? 5  DG  A N2     1 
ATOM   107 N  N3     . DG  A 1 5 ? -6.773  -2.824 -3.670  1.00 8.07  ? 5  DG  A N3     1 
ATOM   108 C  C4     . DG  A 1 5 ? -7.530  -1.766 -4.097  1.00 7.63  ? 5  DG  A C4     1 
ATOM   109 H  H1     . DG  A 1 5 ? -3.961  -1.576 -4.808  1.00 14.68 ? 5  DG  A H1     1 
ATOM   110 H  H21    . DG  A 1 5 ? -4.951  -4.458 -3.011  1.00 16.31 ? 5  DG  A H21    1 
ATOM   111 H  H22    . DG  A 1 5 ? -3.620  -3.562 -3.707  1.00 13.89 ? 5  DG  A H22    1 
ATOM   112 P  P      . DG  A 1 6 ? -12.414 -5.572 -1.037  1.00 7.76  ? 6  DG  A P      1 
ATOM   113 O  OP1    . DG  A 1 6 ? -13.853 -5.548 -1.484  1.00 8.94  ? 6  DG  A OP1    1 
ATOM   114 O  OP2    . DG  A 1 6 ? -12.040 -5.190 0.333   1.00 8.55  ? 6  DG  A OP2    1 
ATOM   115 O  "O5'"  . DG  A 1 6 ? -11.795 -7.051 -1.371  1.00 10.04 ? 6  DG  A "O5'"  1 
ATOM   116 C  "C5'"  . DG  A 1 6 ? -12.153 -8.040 -2.359  1.00 10.96 ? 6  DG  A "C5'"  1 
ATOM   117 C  "C4'"  . DG  A 1 6 ? -12.030 -7.574 -3.769  1.00 12.87 ? 6  DG  A "C4'"  1 
ATOM   118 O  "O4'"  . DG  A 1 6 ? -10.717 -7.111 -3.963  1.00 11.78 ? 6  DG  A "O4'"  1 
ATOM   119 C  "C3'"  . DG  A 1 6 ? -12.348 -8.620 -4.833  1.00 14.06 ? 6  DG  A "C3'"  1 
ATOM   120 O  "O3'"  . DG  A 1 6 ? -13.179 -8.058 -5.848  1.00 18.10 ? 6  DG  A "O3'"  1 
ATOM   121 C  "C2'"  . DG  A 1 6 ? -11.031 -8.792 -5.511  1.00 12.66 ? 6  DG  A "C2'"  1 
ATOM   122 C  "C1'"  . DG  A 1 6 ? -10.322 -7.487 -5.265  1.00 9.81  ? 6  DG  A "C1'"  1 
ATOM   123 N  N9     . DG  A 1 6 ? -8.866  -7.639 -5.248  1.00 8.92  ? 6  DG  A N9     1 
ATOM   124 C  C8     . DG  A 1 6 ? -8.089  -8.690 -4.791  1.00 7.72  ? 6  DG  A C8     1 
ATOM   125 N  N7     . DG  A 1 6 ? -6.801  -8.491 -4.907  1.00 7.21  ? 6  DG  A N7     1 
ATOM   126 C  C5     . DG  A 1 6 ? -6.729  -7.204 -5.485  1.00 9.41  ? 6  DG  A C5     1 
ATOM   127 C  C6     . DG  A 1 6 ? -5.588  -6.415 -5.857  1.00 10.10 ? 6  DG  A C6     1 
ATOM   128 O  O6     . DG  A 1 6 ? -4.396  -6.706 -5.755  1.00 10.43 ? 6  DG  A O6     1 
ATOM   129 N  N1     . DG  A 1 6 ? -5.942  -5.183 -6.415  1.00 7.60  ? 6  DG  A N1     1 
ATOM   130 C  C2     . DG  A 1 6 ? -7.229  -4.760 -6.603  1.00 6.89  ? 6  DG  A C2     1 
ATOM   131 N  N2     . DG  A 1 6 ? -7.378  -3.571 -7.176  1.00 5.27  ? 6  DG  A N2     1 
ATOM   132 N  N3     . DG  A 1 6 ? -8.312  -5.488 -6.256  1.00 7.63  ? 6  DG  A N3     1 
ATOM   133 C  C4     . DG  A 1 6 ? -7.989  -6.691 -5.700  1.00 7.69  ? 6  DG  A C4     1 
ATOM   134 H  "HO3'" . DG  A 1 6 ? -12.698 -7.325 -6.238  1.00 15.61 ? 6  DG  A "HO3'" 1 
ATOM   135 H  H1     . DG  A 1 6 ? -5.181  -4.580 -6.691  1.00 12.32 ? 6  DG  A H1     1 
ATOM   136 H  H21    . DG  A 1 6 ? -8.304  -3.210 -7.355  1.00 16.27 ? 6  DG  A H21    1 
ATOM   137 H  H22    . DG  A 1 6 ? -6.565  -3.030 -7.434  1.00 13.80 ? 6  DG  A H22    1 
ATOM   138 O  "O5'"  . DC  B 1 1 ? 4.708   -4.453 -12.183 1.00 19.98 ? 7  DC  B "O5'"  1 
ATOM   139 C  "C5'"  . DC  B 1 1 ? 5.768   -4.771 -11.275 1.00 17.95 ? 7  DC  B "C5'"  1 
ATOM   140 C  "C4'"  . DC  B 1 1 ? 6.286   -3.478 -10.659 1.00 18.70 ? 7  DC  B "C4'"  1 
ATOM   141 O  "O4'"  . DC  B 1 1 ? 6.589   -2.562 -11.681 1.00 16.78 ? 7  DC  B "O4'"  1 
ATOM   142 C  "C3'"  . DC  B 1 1 ? 5.205   -2.747 -9.874  1.00 20.63 ? 7  DC  B "C3'"  1 
ATOM   143 O  "O3'"  . DC  B 1 1 ? 5.305   -2.957 -8.486  1.00 25.29 ? 7  DC  B "O3'"  1 
ATOM   144 C  "C2'"  . DC  B 1 1 ? 5.577   -1.306 -9.982  1.00 17.10 ? 7  DC  B "C2'"  1 
ATOM   145 C  "C1'"  . DC  B 1 1 ? 6.494   -1.241 -11.161 1.00 14.18 ? 7  DC  B "C1'"  1 
ATOM   146 N  N1     . DC  B 1 1 ? 5.971   -0.295 -12.166 1.00 11.00 ? 7  DC  B N1     1 
ATOM   147 C  C2     . DC  B 1 1 ? 6.885   0.419  -12.891 1.00 8.21  ? 7  DC  B C2     1 
ATOM   148 O  O2     . DC  B 1 1 ? 8.081   0.238  -12.713 1.00 5.83  ? 7  DC  B O2     1 
ATOM   149 N  N3     . DC  B 1 1 ? 6.438   1.320  -13.805 1.00 6.25  ? 7  DC  B N3     1 
ATOM   150 C  C4     . DC  B 1 1 ? 5.134   1.487  -14.044 1.00 8.60  ? 7  DC  B C4     1 
ATOM   151 N  N4     . DC  B 1 1 ? 4.695   2.366  -14.950 1.00 6.43  ? 7  DC  B N4     1 
ATOM   152 C  C5     . DC  B 1 1 ? 4.176   0.729  -13.317 1.00 10.06 ? 7  DC  B C5     1 
ATOM   153 C  C6     . DC  B 1 1 ? 4.641   -0.135 -12.393 1.00 10.24 ? 7  DC  B C6     1 
ATOM   154 H  H41    . DC  B 1 1 ? 3.703   2.479  -15.104 1.00 16.86 ? 7  DC  B H41    1 
ATOM   155 H  H42    . DC  B 1 1 ? 5.355   2.918  -15.480 1.00 15.42 ? 7  DC  B H42    1 
ATOM   156 H  "HO5'" . DC  B 1 1 ? 5.073   -3.874 -12.856 1.00 15.95 ? 7  DC  B "HO5'" 1 
ATOM   157 P  P      . DC  B 1 2 ? 5.478   -4.306 -7.646  1.00 27.51 ? 8  DC  B P      1 
ATOM   158 O  OP1    . DC  B 1 2 ? 6.939   -4.621 -7.660  1.00 27.57 ? 8  DC  B OP1    1 
ATOM   159 O  OP2    . DC  B 1 2 ? 4.478   -5.298 -8.141  1.00 28.14 ? 8  DC  B OP2    1 
ATOM   160 O  "O5'"  . DC  B 1 2 ? 5.027   -3.855 -6.158  1.00 24.69 ? 8  DC  B "O5'"  1 
ATOM   161 C  "C5'"  . DC  B 1 2 ? 3.787   -3.208 -5.885  1.00 16.26 ? 8  DC  B "C5'"  1 
ATOM   162 C  "C4'"  . DC  B 1 2 ? 3.098   -3.938 -4.739  1.00 10.70 ? 8  DC  B "C4'"  1 
ATOM   163 O  "O4'"  . DC  B 1 2 ? 2.131   -3.055 -4.172  1.00 11.24 ? 8  DC  B "O4'"  1 
ATOM   164 C  "C3'"  . DC  B 1 2 ? 2.345   -5.183 -5.146  1.00 9.30  ? 8  DC  B "C3'"  1 
ATOM   165 O  "O3'"  . DC  B 1 2 ? 2.122   -6.018 -4.003  1.00 10.03 ? 8  DC  B "O3'"  1 
ATOM   166 C  "C2'"  . DC  B 1 2 ? 0.998   -4.545 -5.513  1.00 8.86  ? 8  DC  B "C2'"  1 
ATOM   167 C  "C1'"  . DC  B 1 2 ? 0.819   -3.478 -4.453  1.00 8.83  ? 8  DC  B "C1'"  1 
ATOM   168 N  N1     . DC  B 1 2 ? 0.025   -2.337 -4.936  1.00 9.69  ? 8  DC  B N1     1 
ATOM   169 C  C2     . DC  B 1 2 ? -1.323  -2.386 -4.715  1.00 6.32  ? 8  DC  B C2     1 
ATOM   170 O  O2     . DC  B 1 2 ? -1.846  -3.329 -4.122  1.00 8.27  ? 8  DC  B O2     1 
ATOM   171 N  N3     . DC  B 1 2 ? -2.083  -1.370 -5.166  1.00 5.71  ? 8  DC  B N3     1 
ATOM   172 C  C4     . DC  B 1 2 ? -1.605  -0.311 -5.821  1.00 7.20  ? 8  DC  B C4     1 
ATOM   173 N  N4     . DC  B 1 2 ? -2.457  0.651  -6.246  1.00 4.80  ? 8  DC  B N4     1 
ATOM   174 C  C5     . DC  B 1 2 ? -0.186  -0.229 -6.057  1.00 8.43  ? 8  DC  B C5     1 
ATOM   175 C  C6     . DC  B 1 2 ? 0.582   -1.261 -5.593  1.00 9.58  ? 8  DC  B C6     1 
ATOM   176 H  H41    . DC  B 1 2 ? -2.103  1.455  -6.745  1.00 12.50 ? 8  DC  B H41    1 
ATOM   177 H  H42    . DC  B 1 2 ? -3.447  0.564  -6.065  1.00 13.28 ? 8  DC  B H42    1 
ATOM   178 P  P      . DG  B 1 3 ? 3.082   -7.252 -3.532  1.00 11.11 ? 9  DG  B P      1 
ATOM   179 O  OP1    . DG  B 1 3 ? 3.651   -7.866 -4.754  1.00 12.57 ? 9  DG  B OP1    1 
ATOM   180 O  OP2    . DG  B 1 3 ? 2.319   -8.102 -2.595  1.00 10.47 ? 9  DG  B OP2    1 
ATOM   181 O  "O5'"  . DG  B 1 3 ? 4.348   -6.589 -2.788  1.00 8.64  ? 9  DG  B "O5'"  1 
ATOM   182 C  "C5'"  . DG  B 1 3 ? 4.174   -5.877 -1.578  1.00 6.22  ? 9  DG  B "C5'"  1 
ATOM   183 C  "C4'"  . DG  B 1 3 ? 5.466   -5.281 -1.206  1.00 6.76  ? 9  DG  B "C4'"  1 
ATOM   184 O  "O4'"  . DG  B 1 3 ? 5.897   -4.399 -2.248  1.00 6.24  ? 9  DG  B "O4'"  1 
ATOM   185 C  "C3'"  . DG  B 1 3 ? 5.322   -4.488 0.084   1.00 6.54  ? 9  DG  B "C3'"  1 
ATOM   186 O  "O3'"  . DG  B 1 3 ? 5.644   -5.314 1.198   1.00 7.40  ? 9  DG  B "O3'"  1 
ATOM   187 C  "C2'"  . DG  B 1 3 ? 6.303   -3.380 -0.095  1.00 6.44  ? 9  DG  B "C2'"  1 
ATOM   188 C  "C1'"  . DG  B 1 3 ? 6.373   -3.214 -1.621  1.00 6.19  ? 9  DG  B "C1'"  1 
ATOM   189 N  N9     . DG  B 1 3 ? 5.617   -2.083 -2.207  1.00 5.63  ? 9  DG  B N9     1 
ATOM   190 C  C8     . DG  B 1 3 ? 6.142   -1.133 -3.046  1.00 6.24  ? 9  DG  B C8     1 
ATOM   191 N  N7     . DG  B 1 3 ? 5.300   -0.254 -3.477  1.00 4.90  ? 9  DG  B N7     1 
ATOM   192 C  C5     . DG  B 1 3 ? 4.118   -0.640 -2.862  1.00 6.24  ? 9  DG  B C5     1 
ATOM   193 C  C6     . DG  B 1 3 ? 2.837   -0.041 -2.941  1.00 7.63  ? 9  DG  B C6     1 
ATOM   194 O  O6     . DG  B 1 3 ? 2.515   0.977  -3.556  1.00 10.43 ? 9  DG  B O6     1 
ATOM   195 N  N1     . DG  B 1 3 ? 1.890   -0.712 -2.191  1.00 6.11  ? 9  DG  B N1     1 
ATOM   196 C  C2     . DG  B 1 3 ? 2.136   -1.825 -1.424  1.00 6.62  ? 9  DG  B C2     1 
ATOM   197 N  N2     . DG  B 1 3 ? 1.093   -2.312 -0.753  1.00 5.96  ? 9  DG  B N2     1 
ATOM   198 N  N3     . DG  B 1 3 ? 3.345   -2.398 -1.319  1.00 5.92  ? 9  DG  B N3     1 
ATOM   199 C  C4     . DG  B 1 3 ? 4.292   -1.757 -2.073  1.00 6.13  ? 9  DG  B C4     1 
ATOM   200 H  H1     . DG  B 1 3 ? 0.952   -0.338 -2.222  1.00 16.36 ? 9  DG  B H1     1 
ATOM   201 H  H21    . DG  B 1 3 ? 1.208   -3.120 -0.158  1.00 17.95 ? 9  DG  B H21    1 
ATOM   202 H  H22    . DG  B 1 3 ? 0.188   -1.873 -0.839  1.00 16.52 ? 9  DG  B H22    1 
ATOM   203 P  P      . DC  B 1 4 ? 4.621   -5.519 2.431   1.00 6.68  ? 10 DC  B P      1 
ATOM   204 O  OP1    . DC  B 1 4 ? 5.296   -6.464 3.364   1.00 6.12  ? 10 DC  B OP1    1 
ATOM   205 O  OP2    . DC  B 1 4 ? 3.283   -5.855 1.944   1.00 8.75  ? 10 DC  B OP2    1 
ATOM   206 O  "O5'"  . DC  B 1 4 ? 4.624   -4.068 3.165   1.00 7.45  ? 10 DC  B "O5'"  1 
ATOM   207 C  "C5'"  . DC  B 1 4 ? 4.579   -3.896 4.596   1.00 5.36  ? 10 DC  B "C5'"  1 
ATOM   208 C  "C4'"  . DC  B 1 4 ? 3.381   -3.088 4.998   1.00 4.96  ? 10 DC  B "C4'"  1 
ATOM   209 O  "O4'"  . DC  B 1 4 ? 3.491   -1.770 4.444   1.00 5.52  ? 10 DC  B "O4'"  1 
ATOM   210 C  "C3'"  . DC  B 1 4 ? 2.068   -3.669 4.496   1.00 7.63  ? 10 DC  B "C3'"  1 
ATOM   211 O  "O3'"  . DC  B 1 4 ? 1.088   -3.466 5.495   1.00 10.25 ? 10 DC  B "O3'"  1 
ATOM   212 C  "C2'"  . DC  B 1 4 ? 1.724   -2.801 3.291   1.00 6.87  ? 10 DC  B "C2'"  1 
ATOM   213 C  "C1'"  . DC  B 1 4 ? 2.336   -1.453 3.663   1.00 6.90  ? 10 DC  B "C1'"  1 
ATOM   214 N  N1     . DC  B 1 4 ? 2.739   -0.636 2.489   1.00 6.03  ? 10 DC  B N1     1 
ATOM   215 C  C2     . DC  B 1 4 ? 1.745   0.187  1.936   1.00 5.89  ? 10 DC  B C2     1 
ATOM   216 O  O2     . DC  B 1 4 ? 0.592   0.176  2.346   1.00 4.65  ? 10 DC  B O2     1 
ATOM   217 N  N3     . DC  B 1 4 ? 2.090   1.027  0.905   1.00 4.93  ? 10 DC  B N3     1 
ATOM   218 C  C4     . DC  B 1 4 ? 3.360   1.026  0.454   1.00 3.45  ? 10 DC  B C4     1 
ATOM   219 N  N4     . DC  B 1 4 ? 3.638   1.883  -0.521  1.00 4.39  ? 10 DC  B N4     1 
ATOM   220 C  C5     . DC  B 1 4 ? 4.389   0.161  0.980   1.00 2.07  ? 10 DC  B C5     1 
ATOM   221 C  C6     . DC  B 1 4 ? 4.023   -0.657 1.989   1.00 4.79  ? 10 DC  B C6     1 
ATOM   222 H  H41    . DC  B 1 4 ? 4.557   1.890  -0.940  1.00 18.03 ? 10 DC  B H41    1 
ATOM   223 H  H42    . DC  B 1 4 ? 2.931   2.528  -0.844  1.00 17.17 ? 10 DC  B H42    1 
ATOM   224 P  P      . DG  B 1 5 ? 0.727   -4.660 6.477   1.00 11.41 ? 11 DG  B P      1 
ATOM   225 O  OP1    . DG  B 1 5 ? 0.723   -5.956 5.779   1.00 11.82 ? 11 DG  B OP1    1 
ATOM   226 O  OP2    . DG  B 1 5 ? -0.474  -4.210 7.178   1.00 13.98 ? 11 DG  B OP2    1 
ATOM   227 O  "O5'"  . DG  B 1 5 ? 1.923   -4.680 7.491   1.00 12.17 ? 11 DG  B "O5'"  1 
ATOM   228 C  "C5'"  . DG  B 1 5 ? 2.221   -3.696 8.469   1.00 10.67 ? 11 DG  B "C5'"  1 
ATOM   229 C  "C4'"  . DG  B 1 5 ? 3.433   -4.236 9.201   1.00 9.56  ? 11 DG  B "C4'"  1 
ATOM   230 O  "O4'"  . DG  B 1 5 ? 4.634   -4.177 8.430   1.00 8.47  ? 11 DG  B "O4'"  1 
ATOM   231 C  "C3'"  . DG  B 1 5 ? 3.678   -3.430 10.475  1.00 9.88  ? 11 DG  B "C3'"  1 
ATOM   232 O  "O3'"  . DG  B 1 5 ? 4.129   -4.351 11.486  1.00 12.18 ? 11 DG  B "O3'"  1 
ATOM   233 C  "C2'"  . DG  B 1 5 ? 4.726   -2.466 10.063  1.00 7.78  ? 11 DG  B "C2'"  1 
ATOM   234 C  "C1'"  . DG  B 1 5 ? 5.521   -3.221 9.022   1.00 8.28  ? 11 DG  B "C1'"  1 
ATOM   235 N  N9     . DG  B 1 5 ? 6.014   -2.348 7.931   1.00 9.33  ? 11 DG  B N9     1 
ATOM   236 C  C8     . DG  B 1 5 ? 7.221   -2.464 7.298   1.00 8.64  ? 11 DG  B C8     1 
ATOM   237 N  N7     . DG  B 1 5 ? 7.385   -1.600 6.340   1.00 11.30 ? 11 DG  B N7     1 
ATOM   238 C  C5     . DG  B 1 5 ? 6.200   -0.864 6.313   1.00 8.99  ? 11 DG  B C5     1 
ATOM   239 C  C6     . DG  B 1 5 ? 5.807   0.187  5.439   1.00 9.04  ? 11 DG  B C6     1 
ATOM   240 O  O6     . DG  B 1 5 ? 6.437   0.661  4.488   1.00 9.01  ? 11 DG  B O6     1 
ATOM   241 N  N1     . DG  B 1 5 ? 4.530   0.650  5.737   1.00 4.86  ? 11 DG  B N1     1 
ATOM   242 C  C2     . DG  B 1 5 ? 3.710   0.162  6.720   1.00 7.16  ? 11 DG  B C2     1 
ATOM   243 N  N2     . DG  B 1 5 ? 2.493   0.684  6.824   1.00 4.39  ? 11 DG  B N2     1 
ATOM   244 N  N3     . DG  B 1 5 ? 4.080   -0.808 7.563   1.00 6.76  ? 11 DG  B N3     1 
ATOM   245 C  C4     . DG  B 1 5 ? 5.338   -1.298 7.287   1.00 8.30  ? 11 DG  B C4     1 
ATOM   246 H  H1     . DG  B 1 5 ? 4.197   1.414  5.166   1.00 15.83 ? 11 DG  B H1     1 
ATOM   247 H  H21    . DG  B 1 5 ? 1.859   0.348  7.535   1.00 12.54 ? 11 DG  B H21    1 
ATOM   248 H  H22    . DG  B 1 5 ? 2.202   1.417  6.194   1.00 13.92 ? 11 DG  B H22    1 
ATOM   249 P  P      . DG  B 1 6 ? 3.703   -4.258 13.032  1.00 12.14 ? 12 DG  B P      1 
ATOM   250 O  OP1    . DG  B 1 6 ? 3.903   -5.587 13.607  1.00 13.19 ? 12 DG  B OP1    1 
ATOM   251 O  OP2    . DG  B 1 6 ? 2.370   -3.632 13.080  1.00 14.22 ? 12 DG  B OP2    1 
ATOM   252 O  "O5'"  . DG  B 1 6 ? 4.821   -3.248 13.613  1.00 12.07 ? 12 DG  B "O5'"  1 
ATOM   253 C  "C5'"  . DG  B 1 6 ? 6.181   -3.724 13.781  1.00 11.49 ? 12 DG  B "C5'"  1 
ATOM   254 C  "C4'"  . DG  B 1 6 ? 7.152   -2.590 13.918  1.00 10.44 ? 12 DG  B "C4'"  1 
ATOM   255 O  "O4'"  . DG  B 1 6 ? 7.259   -1.889 12.678  1.00 8.09  ? 12 DG  B "O4'"  1 
ATOM   256 C  "C3'"  . DG  B 1 6 ? 6.645   -1.598 14.933  1.00 12.13 ? 12 DG  B "C3'"  1 
ATOM   257 O  "O3'"  . DG  B 1 6 ? 7.084   -1.926 16.248  1.00 14.45 ? 12 DG  B "O3'"  1 
ATOM   258 C  "C2'"  . DG  B 1 6 ? 7.256   -0.345 14.373  1.00 9.43  ? 12 DG  B "C2'"  1 
ATOM   259 C  "C1'"  . DG  B 1 6 ? 7.115   -0.498 12.886  1.00 8.48  ? 12 DG  B "C1'"  1 
ATOM   260 N  N9     . DG  B 1 6 ? 5.839   0.056  12.301  1.00 6.05  ? 12 DG  B N9     1 
ATOM   261 C  C8     . DG  B 1 6 ? 4.542   0.044  12.793  1.00 7.06  ? 12 DG  B C8     1 
ATOM   262 N  N7     . DG  B 1 6 ? 3.655   0.674  12.060  1.00 7.76  ? 12 DG  B N7     1 
ATOM   263 C  C5     . DG  B 1 6 ? 4.415   1.156  10.987  1.00 7.68  ? 12 DG  B C5     1 
ATOM   264 C  C6     . DG  B 1 6 ? 4.016   1.937  9.862   1.00 4.94  ? 12 DG  B C6     1 
ATOM   265 O  O6     . DG  B 1 6 ? 2.915   2.411  9.603   1.00 5.58  ? 12 DG  B O6     1 
ATOM   266 N  N1     . DG  B 1 6 ? 5.066   2.192  9.001   1.00 4.28  ? 12 DG  B N1     1 
ATOM   267 C  C2     . DG  B 1 6 ? 6.353   1.726  9.174   1.00 6.11  ? 12 DG  B C2     1 
ATOM   268 N  N2     . DG  B 1 6 ? 7.240   2.028  8.231   1.00 7.30  ? 12 DG  B N2     1 
ATOM   269 N  N3     . DG  B 1 6 ? 6.736   1.008  10.231  1.00 5.49  ? 12 DG  B N3     1 
ATOM   270 C  C4     . DG  B 1 6 ? 5.732   0.752  11.105  1.00 7.35  ? 12 DG  B C4     1 
ATOM   271 H  "HO3'" . DG  B 1 6 ? 6.730   -1.260 16.842  1.00 14.20 ? 12 DG  B "HO3'" 1 
ATOM   272 H  H1     . DG  B 1 6 ? 4.855   2.763  8.194   1.00 15.24 ? 12 DG  B H1     1 
ATOM   273 H  H21    . DG  B 1 6 ? 8.196   1.715  8.318   1.00 14.71 ? 12 DG  B H21    1 
ATOM   274 H  H22    . DG  B 1 6 ? 6.958   2.571  7.427   1.00 16.94 ? 12 DG  B H22    1 
HETATM 275 NA NA     . NA  C 2 . ? 3.178   5.495  -2.366  0.50 2.00  ? 13 NA  A NA     1 
HETATM 276 O  O      . HOH D 3 . ? 2.116   7.461  -1.398  1.00 9.01  ? 14 HOH A O      1 
HETATM 277 H  H1     . HOH D 3 . ? 2.275   8.353  -1.091  1.00 15.38 ? 14 HOH A H1     1 
HETATM 278 H  H2     . HOH D 3 . ? 2.036   7.544  -2.348  1.00 14.97 ? 14 HOH A H2     1 
HETATM 279 O  O      . HOH D 3 . ? 1.490   5.475  -4.168  1.00 8.23  ? 15 HOH A O      1 
HETATM 280 H  H1     . HOH D 3 . ? 1.667   4.616  -3.784  1.00 18.95 ? 15 HOH A H1     1 
HETATM 281 H  H2     . HOH D 3 . ? 1.302   6.039  -3.418  1.00 17.76 ? 15 HOH A H2     1 
HETATM 282 O  O      . HOH D 3 . ? -0.895  13.892 -2.537  1.00 9.62  ? 16 HOH A O      1 
HETATM 283 H  H1     . HOH D 3 . ? 0.054   14.009 -2.491  1.00 13.88 ? 16 HOH A H1     1 
HETATM 284 H  H2     . HOH D 3 . ? -1.236  14.414 -1.810  1.00 16.52 ? 16 HOH A H2     1 
HETATM 285 O  O      . HOH D 3 . ? -7.639  -7.340 -1.704  1.00 35.84 ? 17 HOH A O      1 
HETATM 286 H  H1     . HOH D 3 . ? -7.770  -6.985 -2.583  1.00 14.24 ? 17 HOH A H1     1 
HETATM 287 H  H2     . HOH D 3 . ? -7.385  -6.584 -1.174  1.00 14.57 ? 17 HOH A H2     1 
HETATM 288 O  O      . HOH D 3 . ? -1.801  10.286 2.265   1.00 34.33 ? 18 HOH A O      1 
HETATM 289 H  H1     . HOH D 3 . ? -1.364  9.829  1.546   1.00 16.79 ? 18 HOH A H1     1 
HETATM 290 H  H2     . HOH D 3 . ? -1.177  10.246 2.990   1.00 15.41 ? 18 HOH A H2     1 
HETATM 291 O  O      . HOH D 3 . ? -0.873  1.486  6.163   1.00 31.14 ? 19 HOH A O      1 
HETATM 292 H  H1     . HOH D 3 . ? -0.279  2.141  6.528   1.00 14.36 ? 19 HOH A H1     1 
HETATM 293 H  H2     . HOH D 3 . ? -1.564  1.396  6.821   1.00 13.28 ? 19 HOH A H2     1 
HETATM 294 O  O      . HOH D 3 . ? -4.049  1.443  2.969   1.00 19.76 ? 20 HOH A O      1 
HETATM 295 H  H1     . HOH D 3 . ? -3.335  1.851  2.478   1.00 16.74 ? 20 HOH A H1     1 
HETATM 296 H  H2     . HOH D 3 . ? -4.841  1.693  2.492   1.00 10.90 ? 20 HOH A H2     1 
HETATM 297 O  O      . HOH D 3 . ? -7.579  3.575  -2.595  1.00 42.80 ? 21 HOH A O      1 
HETATM 298 H  H1     . HOH D 3 . ? -6.625  3.501  -2.609  1.00 16.61 ? 21 HOH A H1     1 
HETATM 299 H  H2     . HOH D 3 . ? -7.828  3.295  -1.715  1.00 16.98 ? 21 HOH A H2     1 
HETATM 300 O  O      . HOH D 3 . ? -5.676  2.870  -4.201  1.00 12.44 ? 23 HOH A O      1 
HETATM 301 H  H1     . HOH D 3 . ? -5.546  2.015  -4.612  1.00 13.19 ? 23 HOH A H1     1 
HETATM 302 H  H2     . HOH D 3 . ? -5.182  3.479  -4.751  1.00 15.69 ? 23 HOH A H2     1 
HETATM 303 O  O      . HOH D 3 . ? -9.235  2.819  -5.781  1.00 39.20 ? 24 HOH A O      1 
HETATM 304 H  H1     . HOH D 3 . ? -8.588  2.450  -5.181  1.00 14.57 ? 24 HOH A H1     1 
HETATM 305 H  H2     . HOH D 3 . ? -8.900  2.610  -6.654  1.00 12.92 ? 24 HOH A H2     1 
HETATM 306 O  O      . HOH D 3 . ? -13.780 -3.202 1.735   1.00 39.15 ? 25 HOH A O      1 
HETATM 307 H  H1     . HOH D 3 . ? -14.645 -2.992 1.383   1.00 13.53 ? 25 HOH A H1     1 
HETATM 308 H  H2     . HOH D 3 . ? -13.424 -3.849 1.125   1.00 15.35 ? 25 HOH A H2     1 
HETATM 309 O  O      . HOH D 3 . ? -15.324 -5.503 -3.880  1.00 15.48 ? 26 HOH A O      1 
HETATM 310 H  H1     . HOH D 3 . ? -14.483 -5.049 -3.827  1.00 18.58 ? 26 HOH A H1     1 
HETATM 311 H  H2     . HOH D 3 . ? -15.445 -5.888 -3.013  1.00 11.59 ? 26 HOH A H2     1 
HETATM 312 O  O      . HOH D 3 . ? -10.113 -2.258 -7.436  1.00 5.42  ? 27 HOH A O      1 
HETATM 313 H  H1     . HOH D 3 . ? -10.636 -2.612 -8.155  1.00 12.40 ? 27 HOH A H1     1 
HETATM 314 H  H2     . HOH D 3 . ? -10.329 -1.325 -7.420  1.00 16.98 ? 27 HOH A H2     1 
HETATM 315 O  O      . HOH D 3 . ? -12.281 -7.471 -8.641  1.00 15.34 ? 28 HOH A O      1 
HETATM 316 H  H1     . HOH D 3 . ? -11.526 -7.094 -8.187  1.00 13.59 ? 28 HOH A H1     1 
HETATM 317 H  H2     . HOH D 3 . ? -12.665 -8.075 -8.006  1.00 15.13 ? 28 HOH A H2     1 
HETATM 318 O  O      . HOH D 3 . ? -3.490  4.554  -5.248  1.00 28.45 ? 42 HOH A O      1 
HETATM 319 H  H1     . HOH D 3 . ? -3.142  5.445  -5.249  1.00 11.52 ? 42 HOH A H1     1 
HETATM 320 H  H2     . HOH D 3 . ? -3.345  4.240  -4.356  1.00 17.16 ? 42 HOH A H2     1 
HETATM 321 O  O      . HOH D 3 . ? 7.205   4.149  0.556   1.00 18.32 ? 46 HOH A O      1 
HETATM 322 H  H1     . HOH D 3 . ? 7.825   3.504  0.896   1.00 14.17 ? 46 HOH A H1     1 
HETATM 323 H  H2     . HOH D 3 . ? 6.415   4.024  1.082   1.00 14.79 ? 46 HOH A H2     1 
HETATM 324 O  O      . HOH D 3 . ? -11.047 0.191  1.277   1.00 30.37 ? 48 HOH A O      1 
HETATM 325 H  H1     . HOH D 3 . ? -10.600 -0.616 1.529   1.00 17.24 ? 48 HOH A H1     1 
HETATM 326 H  H2     . HOH D 3 . ? -11.879 0.162  1.749   1.00 15.31 ? 48 HOH A H2     1 
HETATM 327 O  O      . HOH E 3 . ? -1.251  -1.871 1.902   1.00 25.17 ? 22 HOH B O      1 
HETATM 328 H  H1     . HOH E 3 . ? -0.793  -1.510 2.661   1.00 15.51 ? 22 HOH B H1     1 
HETATM 329 H  H2     . HOH E 3 . ? -1.788  -2.578 2.261   1.00 14.08 ? 22 HOH B H2     1 
HETATM 330 O  O      . HOH E 3 . ? 2.175   -2.870 -8.843  1.00 30.77 ? 29 HOH B O      1 
HETATM 331 H  H1     . HOH E 3 . ? 1.987   -1.938 -8.960  1.00 18.23 ? 29 HOH B H1     1 
HETATM 332 H  H2     . HOH E 3 . ? 3.110   -2.902 -8.637  1.00 14.28 ? 29 HOH B H2     1 
HETATM 333 O  O      . HOH E 3 . ? -1.919  -5.680 -2.665  1.00 43.54 ? 30 HOH B O      1 
HETATM 334 H  H1     . HOH E 3 . ? -1.364  -5.567 -1.894  1.00 15.32 ? 30 HOH B H1     1 
HETATM 335 H  H2     . HOH E 3 . ? -2.259  -6.571 -2.588  1.00 17.40 ? 30 HOH B H2     1 
HETATM 336 O  O      . HOH E 3 . ? 6.375   2.311  -4.308  1.00 13.37 ? 31 HOH B O      1 
HETATM 337 H  H1     . HOH E 3 . ? 5.718   2.702  -3.731  1.00 14.29 ? 31 HOH B H1     1 
HETATM 338 H  H2     . HOH E 3 . ? 5.943   1.541  -4.676  1.00 17.44 ? 31 HOH B H2     1 
HETATM 339 O  O      . HOH E 3 . ? 4.888   0.270  -6.751  1.00 20.69 ? 32 HOH B O      1 
HETATM 340 H  H1     . HOH E 3 . ? 4.458   -0.074 -5.968  1.00 18.05 ? 32 HOH B H1     1 
HETATM 341 H  H2     . HOH E 3 . ? 4.636   1.193  -6.779  1.00 16.50 ? 32 HOH B H2     1 
HETATM 342 O  O      . HOH E 3 . ? 1.196   -4.940 0.363   1.00 10.29 ? 33 HOH B O      1 
HETATM 343 H  H1     . HOH E 3 . ? 1.900   -4.366 0.058   1.00 13.38 ? 33 HOH B H1     1 
HETATM 344 H  H2     . HOH E 3 . ? 1.608   -5.492 1.027   1.00 14.35 ? 33 HOH B H2     1 
HETATM 345 O  O      . HOH E 3 . ? 0.247   -7.023 -1.058  1.00 19.15 ? 34 HOH B O      1 
HETATM 346 H  H1     . HOH E 3 . ? -0.144  -6.578 -0.306  1.00 14.49 ? 34 HOH B H1     1 
HETATM 347 H  H2     . HOH E 3 . ? 1.184   -7.045 -0.864  1.00 14.45 ? 34 HOH B H2     1 
HETATM 348 O  O      . HOH E 3 . ? 10.642  2.526  -0.744  1.00 35.83 ? 35 HOH B O      1 
HETATM 349 H  H1     . HOH E 3 . ? 10.064  2.270  -0.025  1.00 16.53 ? 35 HOH B H1     1 
HETATM 350 H  H2     . HOH E 3 . ? 11.088  3.310  -0.426  1.00 13.94 ? 35 HOH B H2     1 
HETATM 351 O  O      . HOH E 3 . ? 6.483   1.945  -1.215  1.00 6.14  ? 36 HOH B O      1 
HETATM 352 H  H1     . HOH E 3 . ? 7.389   2.156  -0.986  1.00 12.84 ? 36 HOH B H1     1 
HETATM 353 H  H2     . HOH E 3 . ? 6.033   1.871  -0.373  1.00 13.28 ? 36 HOH B H2     1 
HETATM 354 O  O      . HOH E 3 . ? 0.292   1.052  9.686   1.00 42.60 ? 37 HOH B O      1 
HETATM 355 H  H1     . HOH E 3 . ? -0.530  0.562  9.678   1.00 14.56 ? 37 HOH B H1     1 
HETATM 356 H  H2     . HOH E 3 . ? 0.907   0.496  9.208   1.00 12.52 ? 37 HOH B H2     1 
HETATM 357 O  O      . HOH E 3 . ? 9.137   -3.242 4.220   1.00 16.13 ? 38 HOH B O      1 
HETATM 358 H  H1     . HOH E 3 . ? 10.001  -2.857 4.365   1.00 12.64 ? 38 HOH B H1     1 
HETATM 359 H  H2     . HOH E 3 . ? 9.308   -4.177 4.106   1.00 13.49 ? 38 HOH B H2     1 
HETATM 360 O  O      . HOH E 3 . ? 7.378   -1.126 2.486   1.00 17.65 ? 39 HOH B O      1 
HETATM 361 H  H1     . HOH E 3 . ? 8.114   -1.732 2.395   1.00 17.73 ? 39 HOH B H1     1 
HETATM 362 H  H2     . HOH E 3 . ? 6.898   -1.204 1.662   1.00 17.04 ? 39 HOH B H2     1 
HETATM 363 O  O      . HOH E 3 . ? 1.289   -0.462 12.377  1.00 28.70 ? 40 HOH B O      1 
HETATM 364 H  H1     . HOH E 3 . ? 0.569   -0.533 13.003  1.00 14.44 ? 40 HOH B H1     1 
HETATM 365 H  H2     . HOH E 3 . ? 1.201   0.417  12.008  1.00 15.38 ? 40 HOH B H2     1 
HETATM 366 O  O      . HOH E 3 . ? 3.977   -7.698 5.515   1.00 30.88 ? 41 HOH B O      1 
HETATM 367 H  H1     . HOH E 3 . ? 3.552   -6.985 5.038   1.00 15.40 ? 41 HOH B H1     1 
HETATM 368 H  H2     . HOH E 3 . ? 4.824   -7.806 5.082   1.00 14.88 ? 41 HOH B H2     1 
HETATM 369 O  O      . HOH E 3 . ? 9.152   1.379  -2.790  1.00 31.85 ? 43 HOH B O      1 
HETATM 370 H  H1     . HOH E 3 . ? 8.744   2.083  -3.294  1.00 13.09 ? 43 HOH B H1     1 
HETATM 371 H  H2     . HOH E 3 . ? 10.084  1.597  -2.784  1.00 15.29 ? 43 HOH B H2     1 
HETATM 372 O  O      . HOH E 3 . ? 2.209   1.982  -6.714  0.50 9.20  ? 44 HOH B O      1 
HETATM 373 H  H1     . HOH E 3 . ? 2.677   1.738  -5.916  0.50 13.33 ? 44 HOH B H1     1 
HETATM 374 H  H2     . HOH E 3 . ? 2.899   2.202  -7.339  0.50 13.41 ? 44 HOH B H2     1 
HETATM 375 O  O      . HOH E 3 . ? -2.795  -1.772 4.496   1.00 32.62 ? 45 HOH B O      1 
HETATM 376 H  H1     . HOH E 3 . ? -2.007  -1.407 4.093   1.00 17.26 ? 45 HOH B H1     1 
HETATM 377 H  H2     . HOH E 3 . ? -2.465  -2.377 5.161   1.00 16.31 ? 45 HOH B H2     1 
HETATM 378 O  O      . HOH E 3 . ? 8.692   -6.231 -10.134 1.00 40.47 ? 47 HOH B O      1 
HETATM 379 H  H1     . HOH E 3 . ? 8.476   -6.805 -10.870 1.00 18.00 ? 47 HOH B H1     1 
HETATM 380 H  H2     . HOH E 3 . ? 7.848   -6.037 -9.726  1.00 15.67 ? 47 HOH B H2     1 
HETATM 381 O  O      . HOH E 3 . ? -1.614  -5.520 2.232   1.00 45.20 ? 49 HOH B O      1 
HETATM 382 H  H1     . HOH E 3 . ? -2.102  -5.547 3.055   1.00 18.79 ? 49 HOH B H1     1 
HETATM 383 H  H2     . HOH E 3 . ? -2.286  -5.421 1.558   1.00 14.46 ? 49 HOH B H2     1 
HETATM 384 O  O      . HOH E 3 . ? 7.076   0.315  18.916  1.00 37.18 ? 50 HOH B O      1 
HETATM 385 H  H1     . HOH E 3 . ? 7.582   0.979  18.449  1.00 12.87 ? 50 HOH B H1     1 
HETATM 386 H  H2     . HOH E 3 . ? 6.246   0.267  18.442  1.00 16.32 ? 50 HOH B H2     1 
HETATM 387 O  O      . HOH E 3 . ? -2.851  -1.797 11.036  1.00 66.77 ? 51 HOH B O      1 
HETATM 388 H  H1     . HOH E 3 . ? -2.687  -1.205 11.769  1.00 12.41 ? 51 HOH B H1     1 
HETATM 389 H  H2     . HOH E 3 . ? -3.724  -1.557 10.724  1.00 14.69 ? 51 HOH B H2     1 
# 
